data_3BVQ
#
_entry.id   3BVQ
#
_cell.length_a   74.893
_cell.length_b   74.893
_cell.length_c   274.110
_cell.angle_alpha   90.00
_cell.angle_beta   90.00
_cell.angle_gamma   90.00
#
_symmetry.space_group_name_H-M   'P 43 21 2'
#
loop_
_entity.id
_entity.type
_entity.pdbx_description
1 polymer 'NotI restriction endonuclease'
2 non-polymer 'FE (III) ION'
3 non-polymer 'SULFATE ION'
#
_entity_poly.entity_id   1
_entity_poly.type   'polypeptide(L)'
_entity_poly.pdbx_seq_one_letter_code
;(MSE)RSDTSVEPEGANFIAEFFGHRVYPEVVSTEAARNDQATGTCPFLTAAKLVETSCVKAETSRGVCVVNTAVDNERY
DWLVCPNRALDPLF(MSE)SAASRKLFGYGPTEPLQFIAAPTLADQAVRDGIREWLDRGVHVVAYFQEKLGGELSISKTD
SSPEFSFDWTLAEVESIYPVPKIKRYGVLEIQT(MSE)DFHGSYKHAVGAIDIALVEGIDFHGWLPTPAGRAALSKK
(MSE)EGPNLSNVFKRTFYQ(MSE)AYKFALSGHQRCAGTGFAIPQSVWKSWLRHLANPTLIDNGDGTFSLGDTRNDSEN
AWIFVFELDPDTDASPRPLAPHLEIRVNVDTLIDLALRESPRAALGPSGPVATFTDKVEAR(MSE)LRFWPKTRRRRSTT
PGGQRGLFDA
;
_entity_poly.pdbx_strand_id   A,B
#
loop_
_chem_comp.id
_chem_comp.type
_chem_comp.name
_chem_comp.formula
FE non-polymer 'FE (III) ION' 'Fe 3'
SO4 non-polymer 'SULFATE ION' 'O4 S -2'
#
# COMPACT_ATOMS: atom_id res chain seq x y z
N ALA A 12 -7.01 -8.17 26.80
CA ALA A 12 -6.85 -7.58 25.45
C ALA A 12 -5.44 -7.00 25.26
N ASN A 13 -4.83 -7.31 24.11
CA ASN A 13 -3.49 -6.81 23.71
C ASN A 13 -2.34 -7.16 24.66
N PHE A 14 -1.48 -8.08 24.21
CA PHE A 14 -0.36 -8.55 25.03
C PHE A 14 0.82 -9.03 24.17
N ILE A 15 2.04 -8.87 24.67
CA ILE A 15 3.22 -9.40 23.99
C ILE A 15 3.24 -10.93 24.10
N ALA A 16 3.29 -11.60 22.96
CA ALA A 16 3.23 -13.06 22.92
C ALA A 16 4.60 -13.68 23.07
N GLU A 17 5.56 -13.20 22.27
CA GLU A 17 6.94 -13.67 22.35
C GLU A 17 7.89 -12.56 22.73
N PHE A 18 8.94 -12.91 23.47
CA PHE A 18 9.99 -11.99 23.86
C PHE A 18 11.34 -12.61 23.54
N PHE A 19 11.96 -12.12 22.47
CA PHE A 19 13.20 -12.67 21.92
C PHE A 19 13.06 -14.11 21.41
N GLY A 20 11.87 -14.42 20.90
CA GLY A 20 11.59 -15.72 20.28
C GLY A 20 11.08 -16.80 21.21
N HIS A 21 10.72 -16.42 22.44
CA HIS A 21 10.20 -17.37 23.42
C HIS A 21 8.87 -16.89 24.00
N ARG A 22 7.93 -17.81 24.12
CA ARG A 22 6.56 -17.51 24.57
C ARG A 22 6.51 -16.88 25.97
N VAL A 23 5.51 -16.02 26.18
CA VAL A 23 5.36 -15.29 27.43
C VAL A 23 3.91 -15.11 27.89
N TYR A 24 2.98 -14.99 26.94
CA TYR A 24 1.59 -14.65 27.28
C TYR A 24 0.72 -15.83 27.76
N PRO A 25 0.44 -16.83 26.91
CA PRO A 25 -0.36 -17.93 27.41
C PRO A 25 0.49 -18.88 28.27
N GLU A 26 1.54 -19.44 27.67
CA GLU A 26 2.53 -20.23 28.39
C GLU A 26 3.82 -19.42 28.50
N VAL A 27 4.43 -19.45 29.68
CA VAL A 27 5.66 -18.71 29.93
C VAL A 27 6.86 -19.66 29.88
N VAL A 28 7.52 -19.70 28.73
CA VAL A 28 8.66 -20.59 28.52
C VAL A 28 9.92 -20.06 29.20
N SER A 29 10.49 -20.85 30.10
CA SER A 29 11.74 -20.52 30.76
C SER A 29 12.69 -21.72 30.73
N THR A 30 13.27 -21.96 29.56
CA THR A 30 14.23 -23.04 29.35
C THR A 30 15.66 -22.51 29.43
N GLU A 31 16.63 -23.41 29.29
CA GLU A 31 18.05 -23.05 29.28
C GLU A 31 18.40 -22.06 28.17
N ALA A 32 17.69 -22.16 27.05
CA ALA A 32 17.84 -21.22 25.94
C ALA A 32 17.10 -19.92 26.20
N ALA A 33 15.88 -20.01 26.75
CA ALA A 33 15.03 -18.85 27.01
C ALA A 33 15.59 -17.93 28.09
N ARG A 34 16.28 -18.52 29.06
CA ARG A 34 16.94 -17.77 30.13
C ARG A 34 17.98 -16.82 29.55
N ASN A 35 18.90 -17.37 28.76
CA ASN A 35 20.05 -16.64 28.24
C ASN A 35 19.72 -15.67 27.10
N ASP A 36 18.90 -16.11 26.15
CA ASP A 36 18.49 -15.29 25.01
C ASP A 36 17.86 -13.97 25.45
N GLN A 37 16.91 -14.05 26.39
CA GLN A 37 16.27 -12.87 26.96
C GLN A 37 17.29 -11.87 27.52
N ALA A 38 18.15 -12.37 28.43
CA ALA A 38 19.12 -11.55 29.13
C ALA A 38 20.14 -10.91 28.20
N THR A 39 20.74 -11.72 27.33
CA THR A 39 21.73 -11.25 26.35
C THR A 39 21.08 -10.38 25.27
N GLY A 40 19.78 -10.54 25.08
CA GLY A 40 19.03 -9.75 24.09
C GLY A 40 19.33 -10.18 22.67
N THR A 41 18.96 -11.42 22.33
CA THR A 41 19.35 -12.04 21.08
C THR A 41 18.14 -12.67 20.37
N CYS A 42 17.89 -12.27 19.13
CA CYS A 42 16.93 -12.99 18.30
C CYS A 42 17.66 -14.17 17.66
N PRO A 43 17.30 -15.40 18.06
CA PRO A 43 18.01 -16.64 17.73
C PRO A 43 17.93 -17.04 16.26
N PHE A 44 16.91 -16.53 15.56
CA PHE A 44 16.68 -16.87 14.15
C PHE A 44 17.76 -16.28 13.25
N LEU A 45 18.28 -15.13 13.65
CA LEU A 45 19.39 -14.49 12.95
C LEU A 45 20.71 -15.16 13.30
N THR A 46 20.87 -15.49 14.58
CA THR A 46 22.07 -16.18 15.07
C THR A 46 22.22 -17.55 14.44
N ALA A 47 21.11 -18.26 14.28
CA ALA A 47 21.09 -19.57 13.64
C ALA A 47 21.37 -19.47 12.14
N ALA A 48 20.85 -18.41 11.53
CA ALA A 48 21.05 -18.13 10.11
C ALA A 48 22.53 -17.85 9.82
N LYS A 49 23.07 -16.86 10.54
CA LYS A 49 24.51 -16.63 10.56
C LYS A 49 25.17 -17.73 11.38
N LEU A 50 26.36 -17.45 11.90
CA LEU A 50 27.04 -18.38 12.79
C LEU A 50 27.54 -17.61 14.01
N VAL A 51 27.08 -16.37 14.15
CA VAL A 51 27.55 -15.47 15.20
C VAL A 51 26.40 -14.78 15.93
N GLU A 52 26.62 -14.46 17.21
CA GLU A 52 25.59 -13.86 18.06
C GLU A 52 25.18 -12.48 17.57
N THR A 53 23.89 -12.35 17.24
CA THR A 53 23.32 -11.10 16.74
C THR A 53 21.96 -10.80 17.39
N SER A 54 21.74 -9.52 17.71
CA SER A 54 20.55 -9.08 18.44
C SER A 54 19.34 -8.85 17.53
N CYS A 55 18.15 -8.73 18.12
CA CYS A 55 16.94 -8.35 17.38
C CYS A 55 17.13 -6.90 16.92
N VAL A 56 17.14 -6.71 15.60
CA VAL A 56 17.59 -5.46 14.98
C VAL A 56 16.60 -4.30 15.14
N LYS A 57 15.53 -4.53 15.90
CA LYS A 57 14.54 -3.51 16.18
C LYS A 57 15.07 -2.47 17.17
N ALA A 58 14.44 -1.29 17.18
CA ALA A 58 14.82 -0.21 18.08
C ALA A 58 14.45 -0.54 19.53
N GLU A 59 15.11 0.13 20.47
CA GLU A 59 14.88 -0.12 21.89
C GLU A 59 13.45 0.23 22.34
N THR A 60 12.76 1.02 21.51
CA THR A 60 11.35 1.32 21.74
C THR A 60 10.47 0.07 21.63
N SER A 61 10.83 -0.84 20.71
CA SER A 61 10.11 -2.08 20.50
C SER A 61 11.08 -3.24 20.29
N ARG A 62 11.89 -3.51 21.33
CA ARG A 62 13.00 -4.47 21.25
C ARG A 62 12.62 -5.91 20.88
N GLY A 63 12.67 -6.80 21.86
CA GLY A 63 12.53 -8.24 21.61
C GLY A 63 11.13 -8.76 21.33
N VAL A 64 10.17 -7.85 21.18
CA VAL A 64 8.78 -8.23 20.94
C VAL A 64 8.60 -8.74 19.51
N CYS A 65 9.06 -9.96 19.27
CA CYS A 65 9.03 -10.52 17.91
C CYS A 65 7.61 -11.02 17.51
N VAL A 66 6.77 -11.32 18.50
CA VAL A 66 5.37 -11.77 18.28
C VAL A 66 4.40 -11.18 19.32
N VAL A 67 3.17 -10.88 18.89
CA VAL A 67 2.14 -10.27 19.74
C VAL A 67 0.78 -10.99 19.64
N ASN A 68 0.10 -11.16 20.77
CA ASN A 68 -1.22 -11.80 20.82
C ASN A 68 -2.33 -10.88 21.31
N THR A 69 -3.44 -10.85 20.57
CA THR A 69 -4.61 -10.04 20.95
C THR A 69 -5.88 -10.90 21.00
N ALA A 70 -7.02 -10.25 21.23
CA ALA A 70 -8.31 -10.93 21.31
C ALA A 70 -8.85 -11.31 19.93
N ARG A 75 -8.68 -15.23 20.61
CA ARG A 75 -7.25 -15.12 20.91
C ARG A 75 -6.37 -15.54 19.72
N TYR A 76 -5.74 -14.55 19.08
CA TYR A 76 -4.92 -14.77 17.89
C TYR A 76 -3.52 -14.20 18.07
N ASP A 77 -2.51 -14.92 17.57
CA ASP A 77 -1.14 -14.44 17.56
C ASP A 77 -0.88 -13.66 16.27
N TRP A 78 0.03 -12.69 16.32
CA TRP A 78 0.38 -11.89 15.14
C TRP A 78 1.90 -11.78 14.97
N LEU A 79 2.35 -11.77 13.71
CA LEU A 79 3.76 -11.71 13.38
C LEU A 79 4.23 -10.27 13.21
N VAL A 80 5.24 -9.87 13.99
CA VAL A 80 5.70 -8.47 14.00
C VAL A 80 7.14 -8.28 13.48
N CYS A 81 8.07 -9.09 13.95
CA CYS A 81 9.47 -9.05 13.53
C CYS A 81 9.64 -9.98 12.32
N PRO A 82 9.93 -9.42 11.14
CA PRO A 82 10.08 -10.25 9.93
C PRO A 82 11.18 -11.30 10.04
N ASN A 83 12.20 -11.00 10.86
CA ASN A 83 13.30 -11.93 11.13
C ASN A 83 12.85 -13.20 11.86
N ARG A 84 11.68 -13.15 12.49
CA ARG A 84 11.09 -14.30 13.17
C ARG A 84 10.71 -15.42 12.19
N ALA A 85 10.49 -15.05 10.93
CA ALA A 85 10.12 -16.01 9.88
C ALA A 85 11.27 -16.96 9.50
N LEU A 86 12.50 -16.59 9.87
CA LEU A 86 13.69 -17.39 9.58
C LEU A 86 13.74 -18.67 10.41
N ASP A 87 12.86 -19.61 10.07
CA ASP A 87 12.78 -20.90 10.76
C ASP A 87 13.19 -22.00 9.79
N PRO A 88 14.32 -22.70 10.09
CA PRO A 88 14.84 -23.77 9.23
C PRO A 88 13.75 -24.74 8.76
N LEU A 89 12.85 -25.11 9.67
CA LEU A 89 11.77 -26.05 9.38
C LEU A 89 10.78 -25.48 8.37
N PHE A 90 10.52 -24.18 8.46
CA PHE A 90 9.64 -23.48 7.53
C PHE A 90 10.31 -23.25 6.18
N MSE A 91 11.55 -22.78 6.22
CA MSE A 91 12.35 -22.53 5.02
C MSE A 91 12.34 -23.74 4.10
O MSE A 91 11.96 -23.64 2.93
CB MSE A 91 13.79 -22.20 5.38
CG MSE A 91 14.09 -20.74 5.62
SE MSE A 91 15.87 -20.33 4.95
CE MSE A 91 15.40 -19.83 3.15
N SER A 92 12.76 -24.87 4.65
CA SER A 92 12.85 -26.12 3.90
C SER A 92 11.49 -26.51 3.33
N ALA A 93 10.46 -26.47 4.18
CA ALA A 93 9.09 -26.77 3.79
C ALA A 93 8.65 -25.93 2.59
N ALA A 94 8.82 -24.61 2.70
CA ALA A 94 8.44 -23.68 1.65
C ALA A 94 9.24 -23.86 0.35
N SER A 95 10.54 -24.12 0.49
CA SER A 95 11.43 -24.25 -0.65
C SER A 95 11.17 -25.51 -1.47
N ARG A 96 10.76 -26.58 -0.80
CA ARG A 96 10.46 -27.84 -1.48
C ARG A 96 9.34 -27.68 -2.51
N LYS A 97 8.41 -26.77 -2.24
CA LYS A 97 7.27 -26.51 -3.12
C LYS A 97 7.54 -25.47 -4.20
N LEU A 98 8.41 -24.51 -3.90
CA LEU A 98 8.82 -23.48 -4.85
C LEU A 98 9.72 -24.05 -5.94
N PHE A 99 10.75 -24.78 -5.53
CA PHE A 99 11.55 -25.60 -6.43
C PHE A 99 10.90 -26.97 -6.40
N GLY A 100 10.87 -27.67 -7.52
CA GLY A 100 10.10 -28.92 -7.61
C GLY A 100 10.72 -30.09 -6.86
N TYR A 101 10.85 -29.97 -5.53
CA TYR A 101 11.48 -31.02 -4.72
C TYR A 101 10.48 -31.97 -4.07
N GLY A 102 10.91 -33.20 -3.86
CA GLY A 102 10.13 -34.17 -3.10
C GLY A 102 10.33 -34.00 -1.61
N PRO A 103 9.62 -34.79 -0.80
CA PRO A 103 9.67 -34.65 0.67
C PRO A 103 11.05 -34.94 1.28
N THR A 104 11.82 -35.82 0.65
CA THR A 104 13.01 -36.39 1.28
C THR A 104 14.34 -35.92 0.70
N GLU A 105 14.32 -35.47 -0.55
CA GLU A 105 15.53 -35.02 -1.25
C GLU A 105 16.37 -34.09 -0.36
N PRO A 106 17.67 -34.42 -0.21
CA PRO A 106 18.62 -33.63 0.59
C PRO A 106 18.61 -32.14 0.27
N LEU A 107 18.55 -31.32 1.31
CA LEU A 107 18.39 -29.87 1.19
C LEU A 107 19.23 -29.15 2.23
N GLN A 108 19.94 -28.11 1.81
CA GLN A 108 20.76 -27.30 2.71
C GLN A 108 20.61 -25.81 2.38
N PHE A 109 20.54 -24.98 3.43
CA PHE A 109 20.42 -23.52 3.28
C PHE A 109 21.64 -22.81 3.82
N ILE A 110 22.03 -21.73 3.14
CA ILE A 110 23.28 -21.06 3.49
C ILE A 110 23.02 -19.70 4.15
N ALA A 111 22.70 -18.69 3.35
CA ALA A 111 22.68 -17.28 3.77
C ALA A 111 23.89 -16.59 3.18
N ALA A 112 23.65 -15.54 2.42
CA ALA A 112 24.71 -14.85 1.68
C ALA A 112 26.01 -14.55 2.43
N PRO A 113 25.93 -13.98 3.66
CA PRO A 113 27.16 -13.57 4.33
C PRO A 113 28.07 -14.73 4.73
N THR A 114 27.48 -15.87 5.08
CA THR A 114 28.23 -17.02 5.53
C THR A 114 28.99 -17.73 4.40
N LEU A 115 28.94 -17.16 3.20
CA LEU A 115 29.75 -17.64 2.09
C LEU A 115 31.21 -17.21 2.25
N ALA A 116 31.48 -16.35 3.23
CA ALA A 116 32.80 -15.79 3.46
C ALA A 116 33.79 -16.78 4.07
N ASP A 117 33.34 -17.61 5.01
CA ASP A 117 34.24 -18.54 5.69
C ASP A 117 34.42 -19.86 4.94
N GLN A 118 35.65 -20.37 4.98
CA GLN A 118 36.05 -21.56 4.22
C GLN A 118 35.29 -22.81 4.64
N ALA A 119 35.01 -22.94 5.93
CA ALA A 119 34.32 -24.10 6.49
C ALA A 119 32.99 -24.35 5.80
N VAL A 120 32.20 -23.29 5.62
CA VAL A 120 30.89 -23.38 4.99
C VAL A 120 31.02 -23.71 3.50
N ARG A 121 32.02 -23.12 2.85
CA ARG A 121 32.28 -23.36 1.43
C ARG A 121 32.72 -24.80 1.14
N ASP A 122 33.57 -25.36 2.01
CA ASP A 122 33.99 -26.75 1.89
C ASP A 122 32.78 -27.67 1.99
N GLY A 123 31.86 -27.32 2.88
CA GLY A 123 30.63 -28.07 3.09
C GLY A 123 29.79 -28.14 1.83
N ILE A 124 29.53 -26.98 1.23
CA ILE A 124 28.66 -26.93 0.04
C ILE A 124 29.30 -27.59 -1.18
N ARG A 125 30.62 -27.45 -1.32
CA ARG A 125 31.35 -28.14 -2.39
C ARG A 125 31.17 -29.65 -2.28
N GLU A 126 31.36 -30.18 -1.07
CA GLU A 126 31.09 -31.58 -0.78
C GLU A 126 29.62 -31.93 -1.00
N TRP A 127 28.73 -30.98 -0.70
CA TRP A 127 27.28 -31.17 -0.89
C TRP A 127 26.85 -31.22 -2.36
N LEU A 128 27.36 -30.29 -3.18
CA LEU A 128 27.05 -30.27 -4.61
C LEU A 128 27.50 -31.54 -5.32
N ASP A 129 28.62 -32.09 -4.88
CA ASP A 129 29.21 -33.29 -5.49
C ASP A 129 28.31 -34.53 -5.41
N ARG A 130 27.57 -34.67 -4.32
CA ARG A 130 26.72 -35.84 -4.14
C ARG A 130 25.25 -35.60 -4.47
N GLY A 131 24.94 -34.42 -4.99
CA GLY A 131 23.62 -34.12 -5.54
C GLY A 131 22.64 -33.42 -4.62
N VAL A 132 23.16 -32.89 -3.51
CA VAL A 132 22.36 -32.17 -2.53
C VAL A 132 21.91 -30.82 -3.07
N HIS A 133 20.63 -30.51 -2.90
CA HIS A 133 20.08 -29.22 -3.30
C HIS A 133 20.55 -28.13 -2.35
N VAL A 134 21.54 -27.38 -2.78
CA VAL A 134 22.10 -26.29 -1.98
C VAL A 134 21.41 -24.98 -2.35
N VAL A 135 20.73 -24.37 -1.38
CA VAL A 135 20.05 -23.11 -1.61
C VAL A 135 20.65 -21.98 -0.77
N ALA A 136 21.05 -20.91 -1.43
CA ALA A 136 21.53 -19.70 -0.75
C ALA A 136 20.41 -18.68 -0.67
N TYR A 137 20.15 -18.17 0.53
CA TYR A 137 19.13 -17.14 0.68
C TYR A 137 19.66 -15.74 0.99
N PHE A 138 18.89 -14.75 0.57
CA PHE A 138 19.23 -13.33 0.69
C PHE A 138 18.08 -12.60 1.40
N GLN A 139 18.41 -11.90 2.47
CA GLN A 139 17.39 -11.24 3.27
C GLN A 139 17.94 -9.90 3.78
N GLU A 140 17.03 -8.97 4.03
CA GLU A 140 17.35 -7.57 4.35
C GLU A 140 18.57 -7.40 5.25
N LYS A 141 18.52 -7.97 6.44
CA LYS A 141 19.60 -7.83 7.42
C LYS A 141 20.70 -8.89 7.27
N LEU A 142 20.43 -9.93 6.50
CA LEU A 142 21.45 -10.93 6.18
C LEU A 142 22.32 -10.43 5.03
N GLY A 143 22.17 -11.04 3.85
CA GLY A 143 22.95 -10.65 2.68
C GLY A 143 22.39 -9.43 1.96
N GLY A 144 21.44 -8.75 2.60
CA GLY A 144 20.68 -7.69 1.95
C GLY A 144 19.66 -8.33 1.03
N GLU A 145 18.62 -7.59 0.66
CA GLU A 145 17.64 -8.13 -0.27
C GLU A 145 17.82 -7.59 -1.69
N LEU A 146 17.25 -8.30 -2.66
CA LEU A 146 17.48 -8.01 -4.09
C LEU A 146 16.21 -7.60 -4.82
N SER A 147 16.39 -6.94 -5.96
CA SER A 147 15.28 -6.39 -6.73
C SER A 147 15.35 -6.71 -8.21
N ILE A 148 14.19 -6.92 -8.85
CA ILE A 148 14.12 -7.00 -10.31
C ILE A 148 14.13 -5.60 -10.91
N SER A 149 14.80 -5.46 -12.06
CA SER A 149 15.02 -4.17 -12.69
C SER A 149 13.74 -3.54 -13.23
N LYS A 150 13.70 -2.21 -13.13
CA LYS A 150 12.67 -1.39 -13.75
C LYS A 150 12.71 -1.57 -15.26
N THR A 151 11.55 -1.42 -15.90
CA THR A 151 11.46 -1.35 -17.36
C THR A 151 10.37 -0.33 -17.72
N ASP A 152 10.37 0.14 -18.97
CA ASP A 152 9.34 1.09 -19.39
C ASP A 152 7.93 0.46 -19.48
N SER A 153 7.84 -0.85 -19.24
CA SER A 153 6.56 -1.55 -19.27
C SER A 153 6.30 -2.39 -18.01
N SER A 154 7.25 -2.37 -17.08
CA SER A 154 7.12 -3.10 -15.81
C SER A 154 7.91 -2.41 -14.68
N PRO A 155 7.44 -2.55 -13.42
CA PRO A 155 8.09 -1.90 -12.28
C PRO A 155 9.15 -2.72 -11.54
N GLU A 156 9.97 -2.05 -10.75
CA GLU A 156 10.92 -2.68 -9.85
C GLU A 156 10.18 -3.34 -8.69
N PHE A 157 10.67 -4.51 -8.26
CA PHE A 157 10.11 -5.23 -7.11
C PHE A 157 11.22 -5.78 -6.24
N SER A 158 11.05 -5.68 -4.94
CA SER A 158 12.01 -6.22 -3.98
C SER A 158 11.46 -7.47 -3.32
N PHE A 159 12.33 -8.43 -3.04
CA PHE A 159 11.90 -9.65 -2.36
C PHE A 159 12.43 -9.67 -0.93
N ASP A 160 11.57 -10.04 0.02
CA ASP A 160 11.97 -10.20 1.42
C ASP A 160 13.03 -11.29 1.52
N TRP A 161 12.73 -12.44 0.90
CA TRP A 161 13.67 -13.57 0.79
C TRP A 161 13.90 -13.90 -0.67
N THR A 162 15.17 -14.05 -1.05
CA THR A 162 15.54 -14.57 -2.36
C THR A 162 16.29 -15.88 -2.21
N LEU A 163 15.62 -16.98 -2.60
CA LEU A 163 16.21 -18.32 -2.56
C LEU A 163 16.83 -18.63 -3.92
N ALA A 164 18.05 -19.17 -3.89
CA ALA A 164 18.82 -19.40 -5.10
C ALA A 164 19.42 -20.79 -5.13
N GLU A 165 19.02 -21.58 -6.13
CA GLU A 165 19.59 -22.90 -6.35
C GLU A 165 21.05 -22.77 -6.75
N VAL A 166 21.96 -23.01 -5.81
CA VAL A 166 23.40 -22.99 -6.08
C VAL A 166 23.81 -24.27 -6.83
N GLU A 167 24.60 -24.13 -7.88
CA GLU A 167 25.11 -25.30 -8.58
C GLU A 167 26.64 -25.38 -8.63
N SER A 168 27.29 -24.26 -8.33
CA SER A 168 28.75 -24.20 -8.34
C SER A 168 29.23 -22.99 -7.57
N ILE A 169 30.36 -23.15 -6.88
CA ILE A 169 31.02 -22.02 -6.22
C ILE A 169 32.53 -21.99 -6.42
N TYR A 170 33.09 -22.92 -7.18
CA TYR A 170 34.55 -22.89 -7.38
C TYR A 170 35.06 -22.22 -8.65
N PRO A 171 34.54 -22.63 -9.82
CA PRO A 171 34.95 -21.72 -10.90
C PRO A 171 34.52 -20.30 -10.48
N VAL A 172 33.22 -20.06 -10.46
CA VAL A 172 32.63 -18.81 -10.00
C VAL A 172 31.25 -19.16 -9.43
N PRO A 173 30.62 -18.26 -8.66
CA PRO A 173 29.23 -18.52 -8.27
C PRO A 173 28.29 -18.63 -9.47
N LYS A 174 27.56 -19.74 -9.54
CA LYS A 174 26.56 -19.98 -10.60
C LYS A 174 25.29 -20.56 -10.00
N ILE A 175 24.15 -19.97 -10.35
CA ILE A 175 22.85 -20.43 -9.85
C ILE A 175 21.95 -21.01 -10.94
N LYS A 176 21.41 -22.20 -10.67
CA LYS A 176 20.56 -22.94 -11.60
C LYS A 176 19.18 -22.29 -11.82
N ARG A 177 18.59 -21.79 -10.73
CA ARG A 177 17.21 -21.31 -10.72
C ARG A 177 17.04 -20.45 -9.48
N TYR A 178 15.96 -19.69 -9.39
CA TYR A 178 15.70 -18.92 -8.18
C TYR A 178 14.22 -18.91 -7.79
N GLY A 179 13.98 -18.80 -6.49
CA GLY A 179 12.63 -18.61 -5.95
C GLY A 179 12.57 -17.35 -5.11
N VAL A 180 11.37 -16.86 -4.88
CA VAL A 180 11.17 -15.70 -4.00
C VAL A 180 10.10 -15.98 -2.95
N LEU A 181 10.35 -15.53 -1.73
CA LEU A 181 9.38 -15.67 -0.66
C LEU A 181 9.11 -14.31 -0.04
N GLU A 182 7.84 -14.08 0.30
CA GLU A 182 7.41 -12.82 0.87
C GLU A 182 6.82 -13.02 2.26
N ILE A 183 7.34 -12.25 3.21
CA ILE A 183 6.93 -12.39 4.61
C ILE A 183 6.03 -11.23 5.03
N GLN A 184 4.83 -11.58 5.50
CA GLN A 184 3.82 -10.60 5.87
C GLN A 184 3.81 -10.32 7.37
N THR A 185 4.19 -9.08 7.71
CA THR A 185 4.19 -8.60 9.08
C THR A 185 3.01 -7.66 9.35
N MSE A 186 2.69 -7.45 10.63
CA MSE A 186 1.55 -6.61 11.05
C MSE A 186 1.98 -5.35 11.79
O MSE A 186 2.99 -5.35 12.51
CB MSE A 186 0.61 -7.42 11.94
CG MSE A 186 -0.55 -8.06 11.21
SE MSE A 186 -1.92 -6.76 10.67
CE MSE A 186 -2.20 -5.92 12.38
N ASP A 187 1.21 -4.27 11.64
CA ASP A 187 1.42 -3.02 12.37
C ASP A 187 0.45 -2.93 13.56
N PHE A 188 0.76 -2.08 14.55
CA PHE A 188 -0.04 -2.04 15.79
C PHE A 188 -0.40 -0.66 16.36
N HIS A 189 -0.72 0.29 15.48
CA HIS A 189 -1.22 1.62 15.86
C HIS A 189 -0.30 2.45 16.78
N GLY A 190 -0.34 2.15 18.08
CA GLY A 190 0.42 2.90 19.08
C GLY A 190 1.88 2.49 19.16
N SER A 191 2.40 2.41 20.39
CA SER A 191 3.79 2.06 20.63
C SER A 191 3.95 0.89 21.61
N TYR A 192 5.13 0.29 21.60
CA TYR A 192 5.45 -0.85 22.47
C TYR A 192 6.23 -0.42 23.70
N LYS A 193 6.61 0.85 23.74
CA LYS A 193 7.58 1.39 24.72
C LYS A 193 7.19 1.23 26.20
N HIS A 194 5.90 1.18 26.49
CA HIS A 194 5.44 0.98 27.87
C HIS A 194 5.50 -0.49 28.26
N ALA A 195 5.10 -1.36 27.34
CA ALA A 195 5.13 -2.81 27.54
C ALA A 195 6.57 -3.32 27.56
N VAL A 196 7.37 -2.90 26.58
CA VAL A 196 8.78 -3.26 26.48
C VAL A 196 9.59 -2.62 27.61
N GLY A 197 9.12 -1.46 28.08
CA GLY A 197 9.76 -0.76 29.19
C GLY A 197 9.49 -1.44 30.53
N ALA A 198 8.25 -1.89 30.72
CA ALA A 198 7.82 -2.53 31.97
C ALA A 198 8.49 -3.89 32.22
N ILE A 199 8.51 -4.73 31.20
CA ILE A 199 9.13 -6.05 31.29
C ILE A 199 10.66 -5.96 31.34
N ASP A 200 11.19 -4.78 31.05
CA ASP A 200 12.64 -4.55 31.04
C ASP A 200 13.23 -4.56 32.45
N ILE A 201 12.65 -3.78 33.37
CA ILE A 201 13.11 -3.77 34.76
C ILE A 201 12.85 -5.10 35.49
N ALA A 202 11.78 -5.80 35.08
CA ALA A 202 11.44 -7.10 35.64
C ALA A 202 12.50 -8.15 35.28
N LEU A 203 12.99 -8.09 34.04
CA LEU A 203 13.99 -9.04 33.54
C LEU A 203 15.37 -8.80 34.16
N VAL A 204 15.71 -7.54 34.40
CA VAL A 204 17.00 -7.18 35.00
C VAL A 204 16.90 -7.17 36.53
N GLU A 205 17.53 -8.16 37.15
CA GLU A 205 17.55 -8.35 38.61
C GLU A 205 16.17 -8.57 39.25
N GLY A 206 15.85 -9.84 39.50
CA GLY A 206 14.58 -10.22 40.12
C GLY A 206 13.58 -10.76 39.12
N PRO A 214 5.37 -14.31 34.62
CA PRO A 214 4.42 -15.40 34.87
C PRO A 214 3.27 -14.94 35.75
N THR A 215 3.59 -14.14 36.76
CA THR A 215 2.64 -13.64 37.75
C THR A 215 1.54 -12.77 37.12
N PRO A 216 0.29 -12.94 37.59
CA PRO A 216 -0.86 -12.14 37.10
C PRO A 216 -0.66 -10.63 37.21
N ALA A 217 0.00 -10.17 38.28
CA ALA A 217 0.26 -8.75 38.48
C ALA A 217 1.39 -8.24 37.59
N GLY A 218 2.43 -9.05 37.44
CA GLY A 218 3.58 -8.70 36.60
C GLY A 218 3.32 -8.78 35.11
N ARG A 219 2.60 -9.82 34.69
CA ARG A 219 2.24 -10.03 33.29
C ARG A 219 1.18 -9.05 32.79
N ALA A 220 0.36 -8.54 33.72
CA ALA A 220 -0.67 -7.55 33.37
C ALA A 220 -0.06 -6.22 32.94
N ALA A 221 1.08 -5.86 33.52
CA ALA A 221 1.80 -4.64 33.17
C ALA A 221 2.44 -4.76 31.78
N LEU A 222 3.02 -5.92 31.50
CA LEU A 222 3.64 -6.20 30.19
C LEU A 222 2.62 -6.28 29.05
N SER A 223 1.35 -6.43 29.40
CA SER A 223 0.28 -6.48 28.41
C SER A 223 -0.38 -5.11 28.24
N LYS A 224 -0.89 -4.56 29.34
CA LYS A 224 -1.52 -3.24 29.33
C LYS A 224 -0.49 -2.17 29.00
N LYS A 225 -0.60 -1.61 27.80
CA LYS A 225 0.28 -0.55 27.33
C LYS A 225 -0.01 -0.16 25.88
N MSE A 226 -0.28 -1.16 25.04
CA MSE A 226 -0.38 -0.96 23.60
C MSE A 226 -1.78 -1.22 23.04
O MSE A 226 -2.52 -2.06 23.56
CB MSE A 226 0.64 -1.83 22.88
CG MSE A 226 0.42 -3.32 23.11
SE MSE A 226 2.09 -4.31 23.13
CE MSE A 226 1.66 -5.45 24.65
N GLU A 227 -2.09 -0.52 21.97
CA GLU A 227 -3.36 -0.69 21.26
C GLU A 227 -3.36 -1.96 20.42
N GLY A 228 -4.51 -2.26 19.80
CA GLY A 228 -4.66 -3.47 19.00
C GLY A 228 -3.99 -3.39 17.65
N PRO A 229 -4.28 -4.38 16.77
CA PRO A 229 -3.73 -4.48 15.42
C PRO A 229 -4.16 -3.34 14.49
N ASN A 230 -3.38 -3.13 13.43
CA ASN A 230 -3.71 -2.16 12.39
C ASN A 230 -4.29 -2.87 11.17
N LEU A 231 -5.40 -3.57 11.39
CA LEU A 231 -6.02 -4.47 10.41
C LEU A 231 -6.50 -3.81 9.12
N SER A 232 -6.45 -2.48 9.06
CA SER A 232 -6.91 -1.73 7.89
C SER A 232 -6.21 -2.15 6.60
N ASN A 233 -4.88 -2.32 6.68
CA ASN A 233 -4.09 -2.78 5.56
C ASN A 233 -3.53 -4.17 5.84
N VAL A 234 -4.29 -5.19 5.41
CA VAL A 234 -3.86 -6.58 5.57
C VAL A 234 -3.83 -7.29 4.22
N PHE A 235 -4.54 -6.71 3.26
CA PHE A 235 -4.68 -7.27 1.93
C PHE A 235 -4.61 -6.15 0.90
N LYS A 236 -4.91 -4.93 1.33
CA LYS A 236 -4.94 -3.76 0.45
C LYS A 236 -3.54 -3.47 -0.11
N ARG A 237 -2.53 -3.56 0.75
CA ARG A 237 -1.16 -3.25 0.35
C ARG A 237 -0.47 -4.43 -0.36
N THR A 238 -0.97 -5.64 -0.09
CA THR A 238 -0.33 -6.86 -0.55
C THR A 238 -0.78 -7.29 -1.94
N PHE A 239 -2.07 -7.19 -2.24
CA PHE A 239 -2.64 -7.82 -3.44
C PHE A 239 -1.85 -7.63 -4.73
N TYR A 240 -1.55 -6.39 -5.08
CA TYR A 240 -0.90 -6.08 -6.36
C TYR A 240 0.43 -6.81 -6.54
N GLN A 241 1.34 -6.62 -5.60
CA GLN A 241 2.65 -7.30 -5.69
C GLN A 241 2.51 -8.81 -5.65
N MSE A 242 1.49 -9.30 -4.94
CA MSE A 242 1.21 -10.72 -4.91
C MSE A 242 0.71 -11.24 -6.26
O MSE A 242 1.23 -12.22 -6.77
CB MSE A 242 0.21 -11.06 -3.81
CG MSE A 242 -0.22 -12.51 -3.84
SE MSE A 242 -1.04 -13.06 -2.19
CE MSE A 242 -2.66 -11.96 -2.24
N ALA A 243 -0.30 -10.58 -6.80
CA ALA A 243 -0.85 -10.92 -8.11
C ALA A 243 0.23 -10.79 -9.18
N TYR A 244 1.09 -9.79 -9.03
CA TYR A 244 2.19 -9.55 -9.97
C TYR A 244 3.29 -10.60 -9.86
N LYS A 245 3.77 -10.83 -8.63
CA LYS A 245 4.87 -11.77 -8.39
C LYS A 245 4.48 -13.22 -8.62
N PHE A 246 3.19 -13.50 -8.46
CA PHE A 246 2.66 -14.82 -8.79
C PHE A 246 2.70 -15.09 -10.30
N ALA A 247 2.58 -14.02 -11.09
CA ALA A 247 2.59 -14.13 -12.55
C ALA A 247 3.96 -14.53 -13.09
N LEU A 248 5.02 -14.09 -12.41
CA LEU A 248 6.39 -14.36 -12.82
C LEU A 248 6.90 -15.73 -12.37
N SER A 249 6.14 -16.38 -11.49
CA SER A 249 6.61 -17.56 -10.77
C SER A 249 7.00 -18.78 -11.62
N GLY A 250 6.15 -19.19 -12.56
CA GLY A 250 6.43 -20.43 -13.30
C GLY A 250 7.30 -20.29 -14.54
N HIS A 251 8.03 -19.18 -14.65
CA HIS A 251 8.62 -18.78 -15.91
C HIS A 251 10.03 -18.20 -15.79
N GLN A 252 10.89 -18.54 -16.75
CA GLN A 252 12.14 -17.83 -17.00
C GLN A 252 13.13 -17.95 -15.83
N ARG A 253 13.52 -19.18 -15.52
CA ARG A 253 14.47 -19.47 -14.42
C ARG A 253 14.03 -18.96 -13.04
N CYS A 254 12.83 -18.40 -12.97
CA CYS A 254 12.12 -18.18 -11.71
C CYS A 254 11.30 -19.44 -11.42
N ALA A 255 11.64 -20.13 -10.33
CA ALA A 255 11.06 -21.44 -10.02
C ALA A 255 9.69 -21.34 -9.36
N GLY A 256 9.50 -20.34 -8.50
CA GLY A 256 8.24 -20.15 -7.79
C GLY A 256 8.21 -18.97 -6.83
N THR A 257 7.00 -18.44 -6.61
CA THR A 257 6.77 -17.34 -5.67
C THR A 257 5.83 -17.83 -4.58
N GLY A 258 6.20 -17.55 -3.34
CA GLY A 258 5.38 -17.91 -2.19
C GLY A 258 5.12 -16.73 -1.26
N PHE A 259 3.99 -16.77 -0.58
CA PHE A 259 3.66 -15.78 0.45
C PHE A 259 3.43 -16.46 1.80
N ALA A 260 4.16 -15.98 2.80
CA ALA A 260 4.10 -16.54 4.15
C ALA A 260 3.20 -15.68 5.04
N ILE A 261 2.16 -16.30 5.58
CA ILE A 261 1.16 -15.62 6.41
C ILE A 261 0.70 -16.49 7.60
N PRO A 262 0.55 -15.89 8.79
CA PRO A 262 0.00 -16.64 9.93
C PRO A 262 -1.51 -16.83 9.83
N GLN A 263 -2.05 -17.81 10.57
CA GLN A 263 -3.49 -18.15 10.53
C GLN A 263 -4.38 -16.93 10.78
N SER A 264 -3.89 -16.03 11.63
CA SER A 264 -4.56 -14.78 11.96
C SER A 264 -4.85 -13.95 10.72
N VAL A 265 -3.83 -13.81 9.87
CA VAL A 265 -3.91 -13.00 8.65
C VAL A 265 -4.71 -13.73 7.56
N TRP A 266 -4.57 -15.05 7.50
CA TRP A 266 -5.34 -15.87 6.56
C TRP A 266 -6.86 -15.67 6.72
N LYS A 267 -7.33 -15.65 7.97
CA LYS A 267 -8.75 -15.40 8.25
C LYS A 267 -9.20 -14.09 7.60
N SER A 268 -8.44 -13.01 7.84
CA SER A 268 -8.68 -11.71 7.23
C SER A 268 -8.69 -11.81 5.71
N TRP A 269 -7.71 -12.52 5.15
CA TRP A 269 -7.59 -12.71 3.71
C TRP A 269 -8.81 -13.40 3.09
N LEU A 270 -9.36 -14.37 3.80
CA LEU A 270 -10.57 -15.08 3.35
C LEU A 270 -11.75 -14.13 3.07
N ARG A 271 -11.81 -13.02 3.80
CA ARG A 271 -12.83 -12.00 3.54
C ARG A 271 -12.65 -11.40 2.13
N HIS A 272 -11.45 -10.86 1.88
CA HIS A 272 -11.13 -10.24 0.60
C HIS A 272 -11.21 -11.21 -0.57
N LEU A 273 -11.23 -12.50 -0.28
CA LEU A 273 -11.29 -13.54 -1.30
C LEU A 273 -12.66 -14.20 -1.39
N ALA A 274 -13.69 -13.52 -0.84
CA ALA A 274 -15.07 -14.01 -0.84
C ALA A 274 -15.21 -15.43 -0.28
N ASN A 275 -14.57 -15.66 0.88
CA ASN A 275 -14.42 -17.01 1.48
C ASN A 275 -14.65 -18.20 0.55
N PRO A 276 -13.59 -18.62 -0.16
CA PRO A 276 -13.66 -19.72 -1.09
C PRO A 276 -13.52 -21.05 -0.35
N THR A 277 -13.61 -22.15 -1.10
CA THR A 277 -13.34 -23.47 -0.57
C THR A 277 -12.07 -24.00 -1.20
N LEU A 278 -11.05 -24.26 -0.38
CA LEU A 278 -9.82 -24.86 -0.88
C LEU A 278 -10.10 -26.28 -1.34
N ILE A 279 -9.48 -26.67 -2.44
CA ILE A 279 -9.55 -28.05 -2.91
C ILE A 279 -8.37 -28.81 -2.31
N ASP A 280 -8.68 -29.85 -1.54
CA ASP A 280 -7.64 -30.65 -0.88
C ASP A 280 -7.15 -31.78 -1.79
N ASN A 281 -5.95 -31.59 -2.32
CA ASN A 281 -5.31 -32.56 -3.21
C ASN A 281 -4.92 -33.85 -2.48
N GLY A 282 -4.43 -34.83 -3.22
CA GLY A 282 -4.00 -36.11 -2.66
C GLY A 282 -3.03 -35.96 -1.50
N ASP A 283 -2.05 -35.07 -1.69
CA ASP A 283 -1.01 -34.79 -0.69
C ASP A 283 -1.53 -33.90 0.44
N GLY A 284 -0.61 -33.44 1.29
CA GLY A 284 -0.93 -32.45 2.32
C GLY A 284 -1.01 -31.06 1.71
N THR A 285 -1.71 -30.96 0.59
CA THR A 285 -1.75 -29.75 -0.21
C THR A 285 -3.19 -29.34 -0.51
N PHE A 286 -3.41 -28.03 -0.51
CA PHE A 286 -4.67 -27.43 -0.92
C PHE A 286 -4.37 -26.51 -2.09
N SER A 287 -5.40 -26.06 -2.79
CA SER A 287 -5.20 -25.11 -3.90
C SER A 287 -6.41 -24.25 -4.20
N LEU A 288 -6.17 -22.94 -4.33
CA LEU A 288 -7.18 -21.99 -4.79
C LEU A 288 -7.50 -22.23 -6.26
N GLY A 289 -8.77 -22.53 -6.54
CA GLY A 289 -9.21 -22.81 -7.90
C GLY A 289 -8.55 -24.05 -8.47
N ASP A 290 -8.67 -24.21 -9.79
CA ASP A 290 -8.17 -25.38 -10.48
C ASP A 290 -6.69 -25.24 -10.83
N THR A 291 -5.91 -26.22 -10.40
CA THR A 291 -4.45 -26.23 -10.56
C THR A 291 -4.04 -27.28 -11.61
N ARG A 292 -4.93 -28.25 -11.83
CA ARG A 292 -4.70 -29.40 -12.73
C ARG A 292 -3.66 -29.22 -13.87
N ASN A 293 -3.58 -28.02 -14.43
CA ASN A 293 -2.69 -27.76 -15.56
C ASN A 293 -1.98 -26.39 -15.49
N ASP A 294 -1.67 -25.96 -14.28
CA ASP A 294 -1.20 -24.58 -13.99
C ASP A 294 0.25 -24.33 -14.42
N SER A 295 0.44 -23.32 -15.27
CA SER A 295 1.77 -23.00 -15.82
C SER A 295 2.58 -22.04 -14.94
N GLU A 296 1.95 -21.52 -13.89
CA GLU A 296 2.68 -20.73 -12.90
C GLU A 296 3.14 -21.65 -11.77
N ASN A 297 3.83 -21.08 -10.79
CA ASN A 297 4.14 -21.80 -9.56
C ASN A 297 3.98 -20.90 -8.33
N ALA A 298 2.75 -20.47 -8.11
CA ALA A 298 2.39 -19.54 -7.06
C ALA A 298 1.95 -20.30 -5.83
N TRP A 299 2.43 -19.86 -4.67
CA TRP A 299 2.11 -20.52 -3.40
C TRP A 299 1.75 -19.56 -2.28
N ILE A 300 0.78 -19.97 -1.46
CA ILE A 300 0.48 -19.31 -0.19
C ILE A 300 0.67 -20.33 0.93
N PHE A 301 1.55 -19.99 1.87
CA PHE A 301 1.84 -20.85 3.01
C PHE A 301 1.25 -20.22 4.27
N VAL A 302 0.28 -20.91 4.85
CA VAL A 302 -0.32 -20.50 6.10
C VAL A 302 0.33 -21.33 7.19
N PHE A 303 1.03 -20.66 8.10
CA PHE A 303 1.73 -21.35 9.17
C PHE A 303 1.16 -21.05 10.56
N GLU A 304 1.35 -21.98 11.49
CA GLU A 304 0.91 -21.80 12.87
C GLU A 304 2.07 -21.23 13.70
N LEU A 305 1.77 -20.20 14.48
CA LEU A 305 2.76 -19.58 15.36
C LEU A 305 2.97 -20.39 16.63
N ASP A 306 1.94 -21.11 17.06
CA ASP A 306 2.02 -21.98 18.23
C ASP A 306 1.44 -23.36 17.93
N PRO A 307 2.29 -24.29 17.45
CA PRO A 307 1.88 -25.66 17.12
C PRO A 307 1.60 -26.51 18.36
N ASP A 308 1.37 -27.81 18.14
CA ASP A 308 1.07 -28.76 19.21
C ASP A 308 2.23 -28.89 20.21
N THR A 309 3.45 -28.88 19.70
CA THR A 309 4.66 -28.95 20.51
C THR A 309 4.94 -27.64 21.24
N ASP A 310 5.81 -27.71 22.24
CA ASP A 310 6.35 -26.53 22.89
C ASP A 310 7.78 -26.82 23.31
N ALA A 311 8.66 -26.88 22.31
CA ALA A 311 10.07 -27.17 22.51
C ALA A 311 10.91 -26.03 21.96
N SER A 312 11.85 -25.54 22.78
CA SER A 312 12.77 -24.45 22.41
C SER A 312 11.97 -23.23 21.90
N PRO A 313 12.56 -22.40 21.01
CA PRO A 313 11.68 -21.52 20.24
C PRO A 313 10.68 -22.34 19.41
N ARG A 314 9.44 -21.88 19.36
CA ARG A 314 8.38 -22.58 18.63
C ARG A 314 8.67 -22.61 17.13
N PRO A 315 8.70 -23.83 16.53
CA PRO A 315 8.93 -23.95 15.10
C PRO A 315 7.70 -23.55 14.29
N LEU A 316 7.92 -22.79 13.21
CA LEU A 316 6.82 -22.32 12.36
C LEU A 316 6.40 -23.40 11.38
N ALA A 317 5.46 -24.24 11.82
CA ALA A 317 4.96 -25.36 11.03
C ALA A 317 4.00 -24.87 9.95
N PRO A 318 4.14 -25.40 8.72
CA PRO A 318 3.16 -25.08 7.68
C PRO A 318 1.81 -25.73 7.98
N HIS A 319 0.83 -24.90 8.35
CA HIS A 319 -0.53 -25.36 8.61
C HIS A 319 -1.25 -25.63 7.29
N LEU A 320 -1.19 -24.66 6.37
CA LEU A 320 -1.77 -24.81 5.04
C LEU A 320 -0.71 -24.54 3.96
N GLU A 321 -0.65 -25.45 2.99
CA GLU A 321 0.17 -25.24 1.80
C GLU A 321 -0.76 -25.12 0.61
N ILE A 322 -0.92 -23.89 0.13
CA ILE A 322 -1.88 -23.59 -0.93
C ILE A 322 -1.19 -23.23 -2.24
N ARG A 323 -1.52 -23.98 -3.28
CA ARG A 323 -1.08 -23.67 -4.63
C ARG A 323 -2.12 -22.75 -5.28
N VAL A 324 -1.68 -21.56 -5.68
CA VAL A 324 -2.61 -20.53 -6.14
C VAL A 324 -2.80 -20.60 -7.66
N ASN A 325 -4.03 -20.39 -8.12
CA ASN A 325 -4.31 -20.21 -9.53
C ASN A 325 -4.58 -18.72 -9.74
N VAL A 326 -3.62 -18.04 -10.36
CA VAL A 326 -3.61 -16.56 -10.42
C VAL A 326 -4.91 -15.97 -10.95
N ASP A 327 -5.53 -16.66 -11.92
CA ASP A 327 -6.80 -16.23 -12.49
C ASP A 327 -7.97 -16.35 -11.51
N THR A 328 -7.88 -17.30 -10.59
CA THR A 328 -8.86 -17.43 -9.51
C THR A 328 -8.63 -16.37 -8.41
N LEU A 329 -7.37 -16.12 -8.07
CA LEU A 329 -7.04 -15.10 -7.07
C LEU A 329 -7.53 -13.71 -7.50
N ILE A 330 -7.36 -13.37 -8.77
CA ILE A 330 -7.84 -12.10 -9.33
C ILE A 330 -9.37 -12.07 -9.42
N ASP A 331 -9.94 -13.16 -9.93
CA ASP A 331 -11.40 -13.30 -10.06
C ASP A 331 -12.09 -13.21 -8.70
N LEU A 332 -11.58 -13.93 -7.71
CA LEU A 332 -12.12 -13.88 -6.34
C LEU A 332 -11.99 -12.48 -5.72
N ALA A 333 -10.79 -11.90 -5.79
CA ALA A 333 -10.52 -10.63 -5.13
C ALA A 333 -11.21 -9.43 -5.75
N LEU A 334 -11.43 -9.46 -7.06
CA LEU A 334 -11.84 -8.27 -7.80
C LEU A 334 -13.08 -8.47 -8.68
N ARG A 335 -13.65 -9.67 -8.63
CA ARG A 335 -14.84 -9.95 -9.42
C ARG A 335 -15.93 -10.54 -8.55
N GLU A 336 -15.57 -11.58 -7.78
CA GLU A 336 -16.51 -12.29 -6.94
C GLU A 336 -16.74 -11.58 -5.60
N SER A 337 -15.69 -10.96 -5.06
CA SER A 337 -15.83 -10.22 -3.81
C SER A 337 -16.71 -8.98 -3.92
N PRO A 338 -16.41 -8.07 -4.87
CA PRO A 338 -17.33 -6.93 -5.08
C PRO A 338 -18.74 -7.34 -5.55
N ARG A 339 -18.90 -8.58 -6.03
CA ARG A 339 -20.22 -9.12 -6.35
C ARG A 339 -21.03 -9.35 -5.07
N ALA A 340 -20.35 -9.79 -4.01
CA ALA A 340 -20.97 -9.97 -2.70
C ALA A 340 -21.29 -8.62 -2.05
N ALA A 341 -20.47 -7.61 -2.35
CA ALA A 341 -20.70 -6.24 -1.87
C ALA A 341 -21.89 -5.59 -2.59
N LEU A 342 -22.22 -6.09 -3.78
CA LEU A 342 -23.34 -5.56 -4.56
C LEU A 342 -24.64 -6.34 -4.34
N GLY A 343 -24.71 -7.09 -3.25
CA GLY A 343 -25.93 -7.79 -2.84
C GLY A 343 -27.12 -6.85 -2.74
N PRO A 344 -28.36 -7.38 -2.88
CA PRO A 344 -29.55 -6.53 -2.92
C PRO A 344 -29.90 -5.94 -1.55
N SER A 345 -29.18 -6.40 -0.53
CA SER A 345 -29.29 -5.88 0.84
C SER A 345 -27.93 -5.34 1.31
N GLY A 346 -26.95 -5.40 0.42
CA GLY A 346 -25.54 -5.16 0.76
C GLY A 346 -25.11 -3.75 1.11
N PRO A 347 -23.80 -3.56 1.33
CA PRO A 347 -23.21 -2.28 1.78
C PRO A 347 -23.24 -1.15 0.74
N VAL A 348 -23.34 -1.49 -0.54
CA VAL A 348 -23.42 -0.49 -1.60
C VAL A 348 -24.86 0.01 -1.77
N ALA A 349 -25.82 -0.89 -1.55
CA ALA A 349 -27.24 -0.55 -1.60
C ALA A 349 -27.66 0.26 -0.38
N THR A 350 -27.10 -0.10 0.77
CA THR A 350 -27.42 0.57 2.04
C THR A 350 -26.47 1.71 2.38
N PHE A 351 -25.52 2.01 1.50
CA PHE A 351 -24.57 3.10 1.73
C PHE A 351 -25.26 4.46 1.77
N THR A 352 -26.23 4.66 0.88
CA THR A 352 -27.01 5.88 0.82
C THR A 352 -27.59 6.24 2.18
N ASP A 353 -27.95 5.22 2.95
CA ASP A 353 -28.48 5.39 4.30
C ASP A 353 -27.46 6.02 5.26
N LYS A 354 -26.21 5.55 5.20
CA LYS A 354 -25.13 6.13 5.99
C LYS A 354 -25.02 7.62 5.68
N VAL A 355 -25.11 7.97 4.41
CA VAL A 355 -25.02 9.36 3.94
C VAL A 355 -26.13 10.20 4.57
N GLU A 356 -27.37 9.75 4.41
CA GLU A 356 -28.55 10.45 4.92
C GLU A 356 -28.48 10.70 6.42
N ALA A 357 -28.03 9.69 7.17
CA ALA A 357 -27.90 9.78 8.62
C ALA A 357 -26.84 10.79 9.02
N ARG A 358 -25.80 10.92 8.21
CA ARG A 358 -24.70 11.85 8.49
C ARG A 358 -25.10 13.29 8.22
N MSE A 359 -25.98 13.47 7.25
CA MSE A 359 -26.53 14.79 6.95
C MSE A 359 -27.39 15.29 8.10
O MSE A 359 -27.40 16.47 8.40
CB MSE A 359 -27.32 14.76 5.64
CG MSE A 359 -26.45 14.54 4.41
SE MSE A 359 -27.49 14.13 2.79
CE MSE A 359 -28.36 15.86 2.55
N LEU A 360 -28.09 14.35 8.75
CA LEU A 360 -28.93 14.64 9.91
C LEU A 360 -28.16 15.23 11.08
N ARG A 361 -26.90 14.84 11.21
CA ARG A 361 -26.04 15.34 12.28
C ARG A 361 -25.98 16.86 12.28
N PHE A 362 -26.06 17.45 11.09
CA PHE A 362 -25.93 18.90 10.90
C PHE A 362 -27.25 19.68 11.08
N TRP A 363 -28.38 18.97 10.97
CA TRP A 363 -29.71 19.56 11.15
C TRP A 363 -29.85 20.36 12.45
N PRO A 364 -30.37 21.58 12.33
CA PRO A 364 -30.51 22.51 13.46
C PRO A 364 -31.38 21.97 14.58
N ALA B 12 18.02 19.55 -5.83
CA ALA B 12 17.20 19.86 -7.05
C ALA B 12 15.69 19.66 -6.80
N ASN B 13 15.27 19.84 -5.55
CA ASN B 13 13.86 19.67 -5.18
C ASN B 13 13.34 20.93 -4.51
N PHE B 14 12.20 21.43 -4.98
CA PHE B 14 11.66 22.72 -4.56
C PHE B 14 10.18 22.63 -4.16
N ILE B 15 9.75 23.55 -3.30
CA ILE B 15 8.32 23.75 -3.04
C ILE B 15 7.72 24.46 -4.25
N ALA B 16 6.69 23.85 -4.83
CA ALA B 16 6.10 24.35 -6.06
C ALA B 16 4.95 25.34 -5.83
N GLU B 17 4.17 25.09 -4.79
CA GLU B 17 3.00 25.90 -4.50
C GLU B 17 2.90 26.21 -3.01
N PHE B 18 2.80 27.49 -2.67
CA PHE B 18 2.70 27.92 -1.30
C PHE B 18 1.34 28.55 -1.00
N PHE B 19 0.55 27.86 -0.17
CA PHE B 19 -0.82 28.25 0.17
C PHE B 19 -1.74 28.41 -1.04
N GLY B 20 -1.55 27.55 -2.05
CA GLY B 20 -2.37 27.56 -3.26
C GLY B 20 -1.89 28.50 -4.34
N HIS B 21 -0.68 29.01 -4.19
CA HIS B 21 -0.08 29.92 -5.16
C HIS B 21 1.36 29.53 -5.47
N ARG B 22 1.70 29.56 -6.76
CA ARG B 22 3.00 29.14 -7.26
C ARG B 22 4.18 29.88 -6.64
N VAL B 23 5.28 29.16 -6.44
CA VAL B 23 6.46 29.72 -5.77
C VAL B 23 7.79 29.31 -6.40
N TYR B 24 7.79 28.26 -7.23
CA TYR B 24 9.04 27.82 -7.87
C TYR B 24 9.26 28.27 -9.33
N PRO B 25 8.51 27.71 -10.31
CA PRO B 25 8.83 28.10 -11.69
C PRO B 25 8.64 29.61 -11.90
N GLU B 26 7.42 30.10 -11.72
CA GLU B 26 7.15 31.54 -11.73
C GLU B 26 6.56 31.98 -10.38
N VAL B 27 6.92 33.19 -9.95
CA VAL B 27 6.41 33.71 -8.67
C VAL B 27 5.12 34.50 -8.86
N VAL B 28 4.01 33.86 -8.53
CA VAL B 28 2.68 34.48 -8.59
C VAL B 28 2.53 35.42 -7.40
N SER B 29 2.47 36.71 -7.70
CA SER B 29 2.37 37.75 -6.69
C SER B 29 1.09 38.57 -6.87
N THR B 30 0.00 37.89 -7.21
CA THR B 30 -1.30 38.53 -7.35
C THR B 30 -1.84 38.93 -5.97
N GLU B 31 -2.97 39.61 -5.96
CA GLU B 31 -3.56 40.14 -4.74
C GLU B 31 -4.01 39.03 -3.79
N ALA B 32 -4.63 37.99 -4.35
CA ALA B 32 -5.05 36.82 -3.59
C ALA B 32 -3.84 36.00 -3.12
N ALA B 33 -2.78 35.99 -3.92
CA ALA B 33 -1.54 35.32 -3.56
C ALA B 33 -0.85 36.00 -2.38
N ARG B 34 -0.94 37.32 -2.32
CA ARG B 34 -0.34 38.09 -1.23
C ARG B 34 -1.10 37.90 0.08
N ASN B 35 -2.42 37.84 0.00
CA ASN B 35 -3.27 37.70 1.18
C ASN B 35 -3.31 36.28 1.76
N ASP B 36 -3.66 35.31 0.93
CA ASP B 36 -3.79 33.91 1.33
C ASP B 36 -2.58 33.38 2.08
N GLN B 37 -1.39 33.74 1.61
CA GLN B 37 -0.14 33.27 2.19
C GLN B 37 0.14 33.93 3.54
N ALA B 38 0.03 35.26 3.59
CA ALA B 38 0.27 36.03 4.81
C ALA B 38 -0.72 35.67 5.92
N THR B 39 -2.00 35.56 5.56
CA THR B 39 -3.05 35.13 6.49
C THR B 39 -2.90 33.66 6.87
N GLY B 40 -2.21 32.89 6.03
CA GLY B 40 -1.96 31.48 6.28
C GLY B 40 -3.20 30.62 6.09
N THR B 41 -3.80 30.68 4.89
CA THR B 41 -5.04 29.96 4.61
C THR B 41 -4.98 29.06 3.37
N CYS B 42 -5.43 27.81 3.52
CA CYS B 42 -5.62 26.92 2.36
C CYS B 42 -6.98 27.29 1.77
N PRO B 43 -6.96 27.98 0.60
CA PRO B 43 -8.12 28.70 0.05
C PRO B 43 -9.22 27.78 -0.47
N PHE B 44 -8.89 26.51 -0.66
CA PHE B 44 -9.82 25.54 -1.20
C PHE B 44 -10.80 25.06 -0.13
N LEU B 45 -10.30 24.93 1.11
CA LEU B 45 -11.16 24.65 2.26
C LEU B 45 -12.04 25.86 2.60
N THR B 46 -11.45 27.05 2.48
CA THR B 46 -12.17 28.32 2.69
C THR B 46 -13.35 28.44 1.73
N ALA B 47 -13.10 28.15 0.45
CA ALA B 47 -14.15 28.17 -0.57
C ALA B 47 -15.20 27.08 -0.35
N ALA B 48 -14.77 25.89 0.07
CA ALA B 48 -15.67 24.74 0.29
C ALA B 48 -16.62 24.99 1.46
N LYS B 49 -16.06 25.43 2.58
CA LYS B 49 -16.85 25.96 3.68
C LYS B 49 -17.34 27.36 3.28
N LEU B 50 -17.94 28.08 4.21
CA LEU B 50 -18.29 29.46 3.99
C LEU B 50 -17.61 30.28 5.08
N VAL B 51 -16.67 29.63 5.75
CA VAL B 51 -15.86 30.23 6.80
C VAL B 51 -14.41 30.20 6.33
N GLU B 52 -13.64 31.21 6.73
CA GLU B 52 -12.22 31.26 6.43
C GLU B 52 -11.48 30.20 7.24
N THR B 53 -10.63 29.43 6.56
CA THR B 53 -9.93 28.30 7.17
C THR B 53 -8.47 28.24 6.76
N SER B 54 -7.60 27.89 7.71
CA SER B 54 -6.18 27.73 7.47
C SER B 54 -5.84 26.34 6.92
N CYS B 55 -4.65 26.18 6.33
CA CYS B 55 -4.18 24.87 5.91
C CYS B 55 -4.03 24.00 7.17
N VAL B 56 -4.67 22.85 7.15
CA VAL B 56 -4.78 21.98 8.34
C VAL B 56 -3.48 21.24 8.65
N LYS B 57 -2.54 21.31 7.72
CA LYS B 57 -1.24 20.67 7.90
C LYS B 57 -0.45 21.29 9.05
N ALA B 58 0.42 20.48 9.66
CA ALA B 58 1.19 20.89 10.83
C ALA B 58 2.17 22.03 10.55
N GLU B 59 2.71 22.63 11.61
CA GLU B 59 3.69 23.71 11.48
C GLU B 59 4.96 23.28 10.74
N THR B 60 5.22 21.97 10.72
CA THR B 60 6.37 21.40 10.03
C THR B 60 6.20 21.50 8.51
N SER B 61 5.26 20.74 7.97
CA SER B 61 4.93 20.78 6.55
C SER B 61 3.69 21.64 6.34
N ARG B 62 3.85 22.95 6.52
CA ARG B 62 2.74 23.91 6.49
C ARG B 62 2.13 24.12 5.11
N GLY B 63 1.99 25.38 4.69
CA GLY B 63 1.27 25.72 3.46
C GLY B 63 1.84 25.22 2.14
N VAL B 64 2.77 24.28 2.21
CA VAL B 64 3.36 23.68 1.02
C VAL B 64 2.40 22.65 0.45
N CYS B 65 1.51 23.10 -0.43
CA CYS B 65 0.47 22.24 -0.98
C CYS B 65 0.90 21.45 -2.24
N VAL B 66 1.95 21.91 -2.93
CA VAL B 66 2.52 21.21 -4.12
C VAL B 66 4.06 21.25 -4.17
N VAL B 67 4.69 20.15 -4.59
CA VAL B 67 6.16 20.03 -4.62
C VAL B 67 6.73 19.64 -5.99
N ASN B 68 7.82 20.29 -6.40
CA ASN B 68 8.45 20.07 -7.70
C ASN B 68 9.82 19.37 -7.60
N THR B 69 10.03 18.33 -8.41
CA THR B 69 11.30 17.58 -8.45
C THR B 69 11.83 17.34 -9.86
N ALA B 70 13.13 17.07 -9.97
CA ALA B 70 13.83 16.92 -11.26
C ALA B 70 13.49 15.64 -12.04
N VAL B 71 13.65 14.49 -11.38
CA VAL B 71 13.42 13.16 -11.98
C VAL B 71 14.04 12.96 -13.37
N ASP B 72 15.36 12.79 -13.39
CA ASP B 72 16.18 12.71 -14.62
C ASP B 72 16.16 14.02 -15.41
N ASN B 73 15.09 14.26 -16.14
CA ASN B 73 14.94 15.48 -16.93
C ASN B 73 13.50 15.99 -16.94
N GLU B 74 13.25 17.06 -17.70
CA GLU B 74 11.90 17.61 -17.94
C GLU B 74 11.28 18.28 -16.70
N ARG B 75 11.40 17.64 -15.54
CA ARG B 75 10.93 18.15 -14.24
C ARG B 75 9.40 18.09 -14.06
N TYR B 76 8.99 17.58 -12.90
CA TYR B 76 7.59 17.22 -12.66
C TYR B 76 6.98 17.87 -11.42
N ASP B 77 5.68 18.15 -11.49
CA ASP B 77 4.92 18.65 -10.35
C ASP B 77 4.17 17.52 -9.64
N TRP B 78 4.24 17.50 -8.31
CA TRP B 78 3.56 16.49 -7.51
C TRP B 78 2.57 17.09 -6.51
N LEU B 79 1.43 16.44 -6.34
CA LEU B 79 0.40 16.87 -5.37
C LEU B 79 0.64 16.26 -3.99
N VAL B 80 0.58 17.08 -2.95
CA VAL B 80 0.86 16.63 -1.58
C VAL B 80 -0.26 16.91 -0.54
N CYS B 81 -0.85 18.11 -0.58
CA CYS B 81 -2.02 18.47 0.26
C CYS B 81 -3.26 17.98 -0.49
N PRO B 82 -3.93 16.91 0.00
CA PRO B 82 -5.13 16.40 -0.70
C PRO B 82 -6.26 17.42 -0.77
N ASN B 83 -6.22 18.40 0.13
CA ASN B 83 -7.19 19.49 0.16
C ASN B 83 -7.07 20.41 -1.06
N ARG B 84 -5.95 20.29 -1.78
CA ARG B 84 -5.72 21.05 -3.02
C ARG B 84 -6.65 20.66 -4.15
N ALA B 85 -7.08 19.39 -4.15
CA ALA B 85 -7.96 18.86 -5.19
C ALA B 85 -9.37 19.45 -5.12
N LEU B 86 -9.68 20.12 -4.01
CA LEU B 86 -10.94 20.84 -3.87
C LEU B 86 -10.99 22.05 -4.81
N ASP B 87 -11.27 21.79 -6.08
CA ASP B 87 -11.39 22.82 -7.07
C ASP B 87 -12.79 22.71 -7.67
N PRO B 88 -13.62 23.74 -7.46
CA PRO B 88 -15.00 23.75 -7.93
C PRO B 88 -15.10 23.38 -9.41
N LEU B 89 -14.24 23.98 -10.23
CA LEU B 89 -14.21 23.73 -11.67
C LEU B 89 -13.89 22.27 -11.99
N PHE B 90 -12.99 21.67 -11.22
CA PHE B 90 -12.64 20.25 -11.40
C PHE B 90 -13.79 19.36 -10.98
N MSE B 91 -14.18 19.48 -9.72
CA MSE B 91 -15.26 18.68 -9.13
C MSE B 91 -16.52 18.66 -10.00
O MSE B 91 -17.20 17.64 -10.10
CB MSE B 91 -15.58 19.20 -7.72
CG MSE B 91 -16.63 18.39 -6.99
SE MSE B 91 -16.85 18.88 -5.11
CE MSE B 91 -16.88 20.83 -5.27
N SER B 92 -16.81 19.79 -10.63
CA SER B 92 -17.95 19.93 -11.52
C SER B 92 -17.74 19.12 -12.79
N ALA B 93 -16.59 19.30 -13.42
CA ALA B 93 -16.23 18.56 -14.63
C ALA B 93 -16.26 17.06 -14.39
N ALA B 94 -15.68 16.63 -13.26
CA ALA B 94 -15.59 15.22 -12.90
C ALA B 94 -16.96 14.59 -12.67
N SER B 95 -17.76 15.22 -11.81
CA SER B 95 -19.06 14.70 -11.38
C SER B 95 -20.07 14.52 -12.52
N ARG B 96 -20.03 15.43 -13.50
CA ARG B 96 -20.83 15.30 -14.72
C ARG B 96 -20.66 13.92 -15.38
N LYS B 97 -19.43 13.42 -15.38
CA LYS B 97 -19.12 12.11 -15.96
C LYS B 97 -19.59 10.97 -15.08
N LEU B 98 -19.45 11.11 -13.76
CA LEU B 98 -19.90 10.07 -12.82
C LEU B 98 -21.41 9.87 -12.82
N PHE B 99 -22.14 10.99 -12.92
CA PHE B 99 -23.60 10.96 -12.81
C PHE B 99 -24.33 10.89 -14.15
N GLY B 100 -23.62 11.22 -15.22
CA GLY B 100 -24.22 11.24 -16.55
C GLY B 100 -24.92 12.55 -16.87
N TYR B 101 -24.43 13.64 -16.28
CA TYR B 101 -24.93 14.97 -16.58
C TYR B 101 -24.37 15.49 -17.91
N GLY B 102 -25.22 16.21 -18.64
CA GLY B 102 -24.80 16.91 -19.84
C GLY B 102 -23.94 18.12 -19.50
N PRO B 103 -23.18 18.63 -20.47
CA PRO B 103 -22.19 19.69 -20.24
C PRO B 103 -22.77 21.06 -19.85
N THR B 104 -24.09 21.24 -20.01
CA THR B 104 -24.73 22.53 -19.77
C THR B 104 -25.62 22.55 -18.52
N GLU B 105 -26.20 21.40 -18.17
CA GLU B 105 -27.14 21.28 -17.04
C GLU B 105 -26.62 21.96 -15.77
N PRO B 106 -27.48 22.74 -15.09
CA PRO B 106 -27.08 23.42 -13.85
C PRO B 106 -26.69 22.43 -12.74
N LEU B 107 -25.67 22.77 -11.97
CA LEU B 107 -25.09 21.88 -10.98
C LEU B 107 -24.56 22.70 -9.80
N GLN B 108 -25.00 22.36 -8.60
CA GLN B 108 -24.52 23.06 -7.40
C GLN B 108 -23.90 22.08 -6.42
N PHE B 109 -22.74 22.46 -5.88
CA PHE B 109 -22.01 21.65 -4.92
C PHE B 109 -22.06 22.26 -3.54
N ILE B 110 -22.25 21.39 -2.55
CA ILE B 110 -22.43 21.85 -1.18
C ILE B 110 -21.71 20.92 -0.20
N ALA B 111 -20.71 21.47 0.49
CA ALA B 111 -19.93 20.72 1.47
C ALA B 111 -20.81 20.32 2.63
N ALA B 112 -20.54 19.14 3.19
CA ALA B 112 -21.39 18.57 4.23
C ALA B 112 -21.60 19.46 5.46
N PRO B 113 -20.50 20.05 6.01
CA PRO B 113 -20.64 20.94 7.18
C PRO B 113 -21.51 22.19 6.98
N THR B 114 -21.65 22.66 5.75
CA THR B 114 -22.46 23.84 5.45
C THR B 114 -23.97 23.57 5.50
N LEU B 115 -24.34 22.34 5.85
CA LEU B 115 -25.75 21.97 6.02
C LEU B 115 -26.27 22.43 7.37
N ALA B 116 -25.36 22.87 8.23
CA ALA B 116 -25.71 23.42 9.55
C ALA B 116 -26.44 24.76 9.40
N ASP B 117 -26.03 25.58 8.43
CA ASP B 117 -26.69 26.85 8.13
C ASP B 117 -28.07 26.60 7.53
N GLN B 118 -29.00 27.52 7.80
CA GLN B 118 -30.33 27.44 7.21
C GLN B 118 -30.39 28.13 5.85
N ALA B 119 -29.69 29.25 5.72
CA ALA B 119 -29.63 30.00 4.47
C ALA B 119 -29.11 29.13 3.32
N VAL B 120 -28.26 28.17 3.65
CA VAL B 120 -27.76 27.18 2.68
C VAL B 120 -28.86 26.16 2.38
N ARG B 121 -29.50 25.64 3.43
CA ARG B 121 -30.59 24.65 3.29
C ARG B 121 -31.79 25.22 2.53
N ASP B 122 -32.03 26.51 2.70
CA ASP B 122 -33.09 27.21 1.96
C ASP B 122 -32.69 27.40 0.50
N GLY B 123 -31.38 27.52 0.26
CA GLY B 123 -30.83 27.54 -1.09
C GLY B 123 -31.06 26.21 -1.79
N ILE B 124 -30.78 25.12 -1.07
CA ILE B 124 -30.96 23.75 -1.59
C ILE B 124 -32.40 23.54 -2.05
N ARG B 125 -33.36 23.85 -1.18
CA ARG B 125 -34.78 23.73 -1.48
C ARG B 125 -35.15 24.49 -2.75
N GLU B 126 -34.59 25.69 -2.89
CA GLU B 126 -34.82 26.56 -4.06
C GLU B 126 -34.29 25.95 -5.35
N TRP B 127 -33.05 25.47 -5.32
CA TRP B 127 -32.42 24.85 -6.48
C TRP B 127 -33.15 23.60 -6.92
N LEU B 128 -33.53 22.79 -5.94
CA LEU B 128 -34.17 21.50 -6.18
C LEU B 128 -35.52 21.67 -6.87
N ASP B 129 -36.27 22.70 -6.47
CA ASP B 129 -37.54 23.06 -7.11
C ASP B 129 -37.37 23.66 -8.51
N ARG B 130 -36.19 24.18 -8.81
CA ARG B 130 -35.88 24.69 -10.15
C ARG B 130 -35.34 23.60 -11.07
N GLY B 131 -34.99 22.45 -10.48
CA GLY B 131 -34.44 21.32 -11.24
C GLY B 131 -32.93 21.33 -11.35
N VAL B 132 -32.28 22.18 -10.54
CA VAL B 132 -30.82 22.22 -10.45
C VAL B 132 -30.30 20.97 -9.74
N HIS B 133 -29.27 20.33 -10.29
CA HIS B 133 -28.67 19.16 -9.66
C HIS B 133 -27.85 19.57 -8.44
N VAL B 134 -28.25 19.09 -7.27
CA VAL B 134 -27.54 19.40 -6.03
C VAL B 134 -26.74 18.18 -5.52
N VAL B 135 -25.42 18.32 -5.55
CA VAL B 135 -24.51 17.29 -5.04
C VAL B 135 -23.87 17.74 -3.72
N ALA B 136 -23.94 16.87 -2.72
CA ALA B 136 -23.33 17.11 -1.43
C ALA B 136 -22.09 16.24 -1.33
N TYR B 137 -21.00 16.77 -0.80
CA TYR B 137 -19.77 15.98 -0.71
C TYR B 137 -19.19 15.80 0.69
N PHE B 138 -18.56 14.64 0.90
CA PHE B 138 -18.02 14.25 2.19
C PHE B 138 -16.52 13.97 2.07
N GLN B 139 -15.72 14.90 2.56
CA GLN B 139 -14.26 14.80 2.54
C GLN B 139 -13.77 14.82 3.99
N GLU B 140 -12.56 14.31 4.24
CA GLU B 140 -12.06 14.10 5.61
C GLU B 140 -12.12 15.32 6.52
N LYS B 141 -11.45 16.40 6.13
CA LYS B 141 -11.45 17.63 6.91
C LYS B 141 -12.82 18.30 6.91
N LEU B 142 -13.58 18.10 5.84
CA LEU B 142 -14.92 18.67 5.71
C LEU B 142 -15.95 17.84 6.49
N GLY B 143 -16.81 17.13 5.77
CA GLY B 143 -17.87 16.37 6.44
C GLY B 143 -17.46 15.04 7.04
N GLY B 144 -16.14 14.81 7.13
CA GLY B 144 -15.60 13.50 7.50
C GLY B 144 -15.72 12.51 6.35
N GLU B 145 -14.90 11.46 6.38
CA GLU B 145 -14.96 10.45 5.33
C GLU B 145 -16.08 9.45 5.57
N LEU B 146 -16.50 8.79 4.49
CA LEU B 146 -17.54 7.75 4.58
C LEU B 146 -17.02 6.40 4.09
N SER B 147 -17.55 5.32 4.67
CA SER B 147 -17.08 3.98 4.38
C SER B 147 -18.23 3.03 4.06
N ILE B 148 -17.99 2.10 3.15
CA ILE B 148 -18.90 0.96 2.95
C ILE B 148 -18.52 -0.13 3.95
N SER B 149 -19.53 -0.74 4.58
CA SER B 149 -19.27 -1.64 5.69
C SER B 149 -18.82 -3.03 5.24
N LYS B 150 -17.86 -3.59 5.97
CA LYS B 150 -17.30 -4.91 5.67
C LYS B 150 -18.29 -6.03 5.98
N THR B 151 -18.42 -6.97 5.05
CA THR B 151 -19.28 -8.14 5.27
C THR B 151 -18.50 -9.45 5.35
N ASP B 152 -19.28 -10.53 5.39
CA ASP B 152 -18.81 -11.92 5.35
C ASP B 152 -17.83 -12.16 4.20
N SER B 153 -18.11 -11.54 3.05
CA SER B 153 -17.30 -11.75 1.84
C SER B 153 -16.71 -10.49 1.21
N SER B 154 -16.74 -9.36 1.92
CA SER B 154 -16.19 -8.10 1.40
C SER B 154 -15.68 -7.16 2.50
N PRO B 155 -14.61 -6.37 2.21
CA PRO B 155 -13.97 -5.51 3.22
C PRO B 155 -14.52 -4.08 3.28
N GLU B 156 -14.07 -3.33 4.29
CA GLU B 156 -14.39 -1.90 4.43
C GLU B 156 -13.59 -1.08 3.44
N PHE B 157 -14.25 -0.10 2.83
CA PHE B 157 -13.56 0.91 2.03
C PHE B 157 -14.08 2.29 2.37
N SER B 158 -13.18 3.25 2.52
CA SER B 158 -13.58 4.65 2.69
C SER B 158 -13.22 5.49 1.46
N PHE B 159 -14.10 6.43 1.12
CA PHE B 159 -13.91 7.25 -0.08
C PHE B 159 -13.43 8.65 0.29
N ASP B 160 -12.35 9.08 -0.36
CA ASP B 160 -11.78 10.41 -0.16
C ASP B 160 -12.87 11.47 -0.26
N TRP B 161 -13.66 11.36 -1.33
CA TRP B 161 -14.79 12.24 -1.62
C TRP B 161 -16.03 11.38 -1.83
N THR B 162 -17.06 11.60 -1.02
CA THR B 162 -18.37 11.02 -1.28
C THR B 162 -19.27 12.08 -1.91
N LEU B 163 -19.62 11.90 -3.16
CA LEU B 163 -20.51 12.80 -3.87
C LEU B 163 -21.93 12.26 -3.81
N ALA B 164 -22.83 13.03 -3.18
CA ALA B 164 -24.20 12.57 -2.93
C ALA B 164 -25.24 13.38 -3.70
N GLU B 165 -25.96 12.73 -4.61
CA GLU B 165 -26.99 13.40 -5.41
C GLU B 165 -28.27 13.62 -4.62
N VAL B 166 -28.41 14.84 -4.08
CA VAL B 166 -29.55 15.23 -3.25
C VAL B 166 -30.85 15.19 -4.05
N GLU B 167 -31.86 14.55 -3.47
CA GLU B 167 -33.18 14.40 -4.07
C GLU B 167 -34.24 15.18 -3.30
N SER B 168 -34.09 15.22 -1.96
CA SER B 168 -34.99 15.98 -1.07
C SER B 168 -34.23 16.53 0.13
N ILE B 169 -34.81 17.54 0.78
CA ILE B 169 -34.17 18.16 1.95
C ILE B 169 -35.17 18.61 3.03
N TYR B 170 -36.35 19.11 2.62
CA TYR B 170 -37.34 19.60 3.59
C TYR B 170 -37.95 18.52 4.48
N PRO B 171 -38.57 17.47 3.89
CA PRO B 171 -39.11 16.52 4.86
C PRO B 171 -37.94 15.89 5.60
N VAL B 172 -37.07 15.21 4.85
CA VAL B 172 -35.87 14.57 5.38
C VAL B 172 -34.81 14.56 4.27
N PRO B 173 -33.52 14.42 4.64
CA PRO B 173 -32.52 14.20 3.59
C PRO B 173 -32.80 12.93 2.80
N LYS B 174 -32.74 13.03 1.48
CA LYS B 174 -32.99 11.93 0.57
C LYS B 174 -31.98 12.07 -0.56
N ILE B 175 -31.35 10.96 -0.95
CA ILE B 175 -30.46 10.97 -2.12
C ILE B 175 -30.79 9.85 -3.13
N LYS B 176 -30.67 10.17 -4.41
CA LYS B 176 -31.03 9.23 -5.48
C LYS B 176 -29.93 8.21 -5.69
N ARG B 177 -28.71 8.71 -5.85
CA ARG B 177 -27.54 7.89 -6.13
C ARG B 177 -26.31 8.65 -5.71
N TYR B 178 -25.17 7.95 -5.62
CA TYR B 178 -23.95 8.58 -5.15
C TYR B 178 -22.75 8.35 -6.07
N GLY B 179 -21.78 9.25 -5.97
CA GLY B 179 -20.53 9.15 -6.70
C GLY B 179 -19.35 9.02 -5.76
N VAL B 180 -18.25 8.51 -6.27
CA VAL B 180 -17.02 8.33 -5.50
C VAL B 180 -15.84 8.94 -6.25
N LEU B 181 -15.15 9.89 -5.63
CA LEU B 181 -13.92 10.41 -6.22
C LEU B 181 -12.73 10.17 -5.31
N GLU B 182 -11.68 9.60 -5.88
CA GLU B 182 -10.48 9.24 -5.14
C GLU B 182 -9.29 10.07 -5.62
N ILE B 183 -8.56 10.67 -4.69
CA ILE B 183 -7.43 11.52 -5.04
C ILE B 183 -6.12 10.90 -4.60
N GLN B 184 -5.17 10.84 -5.52
CA GLN B 184 -3.83 10.33 -5.25
C GLN B 184 -2.85 11.45 -4.93
N THR B 185 -2.24 11.36 -3.75
CA THR B 185 -1.25 12.32 -3.32
C THR B 185 0.12 11.67 -3.25
N MSE B 186 1.16 12.48 -3.48
CA MSE B 186 2.54 12.03 -3.47
C MSE B 186 3.16 12.23 -2.09
O MSE B 186 3.01 13.28 -1.46
CB MSE B 186 3.34 12.75 -4.54
CG MSE B 186 4.71 12.14 -4.85
SE MSE B 186 4.68 10.23 -5.29
CE MSE B 186 3.38 10.26 -6.73
N ASP B 187 3.87 11.19 -1.63
CA ASP B 187 4.57 11.21 -0.35
C ASP B 187 6.04 11.58 -0.55
N PHE B 188 6.63 12.19 0.47
CA PHE B 188 8.03 12.60 0.45
C PHE B 188 8.85 11.85 1.52
N HIS B 189 10.18 11.86 1.38
CA HIS B 189 11.06 11.16 2.32
C HIS B 189 11.25 11.92 3.63
N GLY B 190 11.91 13.07 3.55
CA GLY B 190 12.22 13.87 4.74
C GLY B 190 11.18 14.95 5.02
N SER B 191 11.35 15.64 6.14
CA SER B 191 10.45 16.73 6.51
C SER B 191 10.70 17.96 5.63
N TYR B 192 9.65 18.74 5.42
CA TYR B 192 9.74 19.98 4.66
C TYR B 192 9.92 21.19 5.59
N LYS B 193 10.20 20.92 6.86
CA LYS B 193 10.28 21.95 7.90
C LYS B 193 11.41 22.96 7.71
N HIS B 194 12.56 22.50 7.20
CA HIS B 194 13.69 23.37 6.92
C HIS B 194 13.34 24.37 5.83
N ALA B 195 12.58 23.90 4.84
CA ALA B 195 12.14 24.72 3.72
C ALA B 195 11.00 25.66 4.12
N VAL B 196 10.04 25.13 4.88
CA VAL B 196 8.92 25.91 5.39
C VAL B 196 9.41 27.01 6.33
N GLY B 197 10.32 26.65 7.24
CA GLY B 197 10.89 27.59 8.20
C GLY B 197 11.58 28.77 7.55
N ALA B 198 12.39 28.50 6.54
CA ALA B 198 13.13 29.53 5.82
C ALA B 198 12.21 30.51 5.09
N ILE B 199 11.20 29.97 4.40
CA ILE B 199 10.20 30.78 3.71
C ILE B 199 9.27 31.49 4.69
N ASP B 200 9.11 30.91 5.88
CA ASP B 200 8.28 31.47 6.94
C ASP B 200 8.87 32.77 7.49
N ILE B 201 10.17 32.73 7.81
CA ILE B 201 10.90 33.92 8.28
C ILE B 201 10.87 35.00 7.21
N ALA B 202 11.14 34.62 5.97
CA ALA B 202 11.16 35.54 4.84
C ALA B 202 9.83 36.26 4.65
N LEU B 203 8.73 35.52 4.80
CA LEU B 203 7.39 36.04 4.57
C LEU B 203 6.98 37.17 5.52
N VAL B 204 7.34 37.04 6.80
CA VAL B 204 6.93 38.02 7.81
C VAL B 204 8.03 39.02 8.16
N GLU B 205 9.27 38.54 8.23
CA GLU B 205 10.42 39.39 8.54
C GLU B 205 11.16 39.80 7.27
N GLY B 206 10.53 40.66 6.47
CA GLY B 206 11.12 41.17 5.24
C GLY B 206 10.11 41.34 4.13
N ILE B 207 9.71 42.59 3.90
CA ILE B 207 8.78 42.94 2.83
C ILE B 207 9.40 42.67 1.45
N ASP B 208 8.54 42.45 0.45
CA ASP B 208 8.96 42.12 -0.91
C ASP B 208 9.80 40.85 -0.98
N TRP B 212 8.35 37.30 -3.12
CA TRP B 212 8.09 37.83 -4.45
C TRP B 212 9.38 38.08 -5.23
N LEU B 213 10.20 39.00 -4.72
CA LEU B 213 11.51 39.31 -5.30
C LEU B 213 12.55 38.20 -5.07
N PRO B 214 12.59 37.61 -3.85
CA PRO B 214 13.51 36.50 -3.64
C PRO B 214 13.27 35.34 -4.62
N THR B 215 14.18 35.22 -5.58
CA THR B 215 14.12 34.17 -6.60
C THR B 215 15.45 33.41 -6.78
N PRO B 216 16.60 34.13 -6.77
CA PRO B 216 17.84 33.40 -7.05
C PRO B 216 18.43 32.75 -5.79
N ALA B 217 19.17 33.54 -5.01
CA ALA B 217 19.78 33.05 -3.77
C ALA B 217 18.74 32.77 -2.68
N GLY B 218 17.81 33.71 -2.50
CA GLY B 218 16.78 33.63 -1.47
C GLY B 218 15.85 32.43 -1.60
N ARG B 219 15.20 32.31 -2.76
CA ARG B 219 14.21 31.27 -3.00
C ARG B 219 14.79 29.85 -3.07
N ALA B 220 15.86 29.69 -3.86
CA ALA B 220 16.48 28.38 -4.05
C ALA B 220 16.92 27.74 -2.74
N ALA B 221 17.53 28.52 -1.85
CA ALA B 221 17.95 28.05 -0.54
C ALA B 221 16.75 27.66 0.31
N LEU B 222 15.77 28.56 0.37
CA LEU B 222 14.53 28.33 1.10
C LEU B 222 13.80 27.08 0.60
N SER B 223 13.87 26.84 -0.70
CA SER B 223 13.21 25.68 -1.31
C SER B 223 14.12 24.44 -1.32
N LYS B 224 15.38 24.60 -0.88
CA LYS B 224 16.31 23.48 -0.76
C LYS B 224 16.15 22.78 0.59
N LYS B 225 17.07 21.86 0.89
CA LYS B 225 17.00 20.96 2.06
C LYS B 225 15.82 20.00 1.96
N MSE B 226 15.45 19.68 0.71
CA MSE B 226 14.26 18.90 0.42
C MSE B 226 14.60 17.61 -0.31
O MSE B 226 15.39 17.61 -1.25
CB MSE B 226 13.28 19.72 -0.42
CG MSE B 226 11.83 19.36 -0.21
SE MSE B 226 10.91 20.69 0.88
CE MSE B 226 10.99 22.15 -0.42
N GLU B 227 13.98 16.51 0.12
CA GLU B 227 14.20 15.22 -0.51
C GLU B 227 13.19 14.98 -1.64
N GLY B 228 13.51 14.05 -2.52
CA GLY B 228 12.65 13.71 -3.65
C GLY B 228 11.39 12.95 -3.26
N PRO B 229 10.56 12.60 -4.25
CA PRO B 229 9.31 11.91 -3.96
C PRO B 229 9.50 10.41 -3.74
N ASN B 230 8.68 9.84 -2.86
CA ASN B 230 8.68 8.40 -2.62
C ASN B 230 7.93 7.65 -3.72
N LEU B 231 8.62 7.42 -4.84
CA LEU B 231 8.02 6.84 -6.03
C LEU B 231 7.69 5.35 -5.90
N SER B 232 7.97 4.78 -4.73
CA SER B 232 7.82 3.35 -4.49
C SER B 232 6.36 2.89 -4.48
N ASN B 233 5.49 3.64 -3.83
CA ASN B 233 4.09 3.25 -3.64
C ASN B 233 3.10 3.82 -4.68
N VAL B 234 3.63 4.35 -5.78
CA VAL B 234 2.84 5.17 -6.72
C VAL B 234 1.60 4.50 -7.32
N PHE B 235 1.71 3.21 -7.63
CA PHE B 235 0.64 2.46 -8.28
C PHE B 235 0.27 1.23 -7.48
N LYS B 236 1.26 0.61 -6.84
CA LYS B 236 1.06 -0.64 -6.08
C LYS B 236 0.08 -0.48 -4.92
N ARG B 237 0.22 0.61 -4.18
CA ARG B 237 -0.65 0.90 -3.03
C ARG B 237 -2.08 1.33 -3.44
N THR B 238 -2.25 1.70 -4.71
CA THR B 238 -3.54 2.20 -5.21
C THR B 238 -4.34 1.21 -6.06
N PHE B 239 -3.67 0.21 -6.65
CA PHE B 239 -4.32 -0.69 -7.61
C PHE B 239 -5.58 -1.46 -7.13
N TYR B 240 -5.46 -2.20 -6.03
CA TYR B 240 -6.59 -2.94 -5.45
C TYR B 240 -7.76 -2.01 -5.12
N GLN B 241 -7.46 -1.01 -4.30
CA GLN B 241 -8.37 0.06 -3.97
C GLN B 241 -9.16 0.47 -5.21
N MSE B 242 -8.43 0.69 -6.31
CA MSE B 242 -9.00 1.17 -7.57
C MSE B 242 -9.82 0.10 -8.28
O MSE B 242 -10.97 0.35 -8.65
CB MSE B 242 -7.90 1.69 -8.49
CG MSE B 242 -8.43 2.25 -9.79
SE MSE B 242 -7.05 3.08 -10.89
CE MSE B 242 -5.69 1.65 -10.87
N ALA B 243 -9.22 -1.07 -8.49
CA ALA B 243 -9.89 -2.17 -9.18
C ALA B 243 -11.21 -2.52 -8.49
N TYR B 244 -11.18 -2.65 -7.17
CA TYR B 244 -12.37 -2.98 -6.39
C TYR B 244 -13.46 -1.92 -6.49
N LYS B 245 -13.11 -0.68 -6.18
CA LYS B 245 -14.06 0.44 -6.22
C LYS B 245 -14.62 0.67 -7.63
N PHE B 246 -13.80 0.39 -8.64
CA PHE B 246 -14.22 0.46 -10.03
C PHE B 246 -15.29 -0.59 -10.36
N ALA B 247 -15.15 -1.79 -9.82
CA ALA B 247 -16.10 -2.88 -10.06
C ALA B 247 -17.51 -2.53 -9.57
N LEU B 248 -17.59 -1.55 -8.69
CA LEU B 248 -18.86 -1.13 -8.07
C LEU B 248 -19.56 0.02 -8.82
N SER B 249 -18.86 0.61 -9.79
CA SER B 249 -19.22 1.95 -10.27
C SER B 249 -20.57 2.10 -10.98
N GLY B 250 -20.94 1.15 -11.83
CA GLY B 250 -22.19 1.29 -12.57
C GLY B 250 -23.36 0.53 -11.99
N HIS B 251 -23.28 0.21 -10.70
CA HIS B 251 -24.24 -0.70 -10.08
C HIS B 251 -24.86 -0.15 -8.82
N GLN B 252 -26.10 -0.55 -8.55
CA GLN B 252 -26.73 -0.42 -7.24
C GLN B 252 -26.64 1.00 -6.68
N ARG B 253 -27.27 1.96 -7.38
CA ARG B 253 -27.32 3.35 -6.91
C ARG B 253 -25.95 4.01 -6.67
N CYS B 254 -24.87 3.33 -7.05
CA CYS B 254 -23.56 3.96 -7.17
C CYS B 254 -23.39 4.35 -8.65
N ALA B 255 -23.52 5.65 -8.92
CA ALA B 255 -23.53 6.17 -10.28
C ALA B 255 -22.19 6.00 -11.00
N GLY B 256 -21.11 6.26 -10.29
CA GLY B 256 -19.78 6.20 -10.85
C GLY B 256 -18.67 6.47 -9.86
N THR B 257 -17.46 6.13 -10.25
CA THR B 257 -16.28 6.28 -9.41
C THR B 257 -15.09 6.72 -10.26
N GLY B 258 -14.36 7.71 -9.77
CA GLY B 258 -13.23 8.26 -10.50
C GLY B 258 -11.96 8.42 -9.67
N PHE B 259 -10.82 8.35 -10.36
CA PHE B 259 -9.54 8.59 -9.73
C PHE B 259 -8.88 9.83 -10.35
N ALA B 260 -8.53 10.78 -9.48
CA ALA B 260 -7.90 12.03 -9.91
C ALA B 260 -6.40 11.96 -9.68
N ILE B 261 -5.65 12.01 -10.77
CA ILE B 261 -4.18 11.93 -10.71
C ILE B 261 -3.53 12.98 -11.61
N PRO B 262 -2.40 13.58 -11.17
CA PRO B 262 -1.68 14.51 -12.03
C PRO B 262 -1.02 13.82 -13.23
N GLN B 263 -0.66 14.61 -14.25
CA GLN B 263 0.07 14.10 -15.43
C GLN B 263 1.28 13.27 -15.02
N SER B 264 2.06 13.82 -14.09
CA SER B 264 3.27 13.17 -13.56
C SER B 264 3.00 11.71 -13.16
N VAL B 265 1.99 11.49 -12.32
CA VAL B 265 1.64 10.17 -11.84
C VAL B 265 1.10 9.32 -12.98
N TRP B 266 0.35 9.94 -13.88
CA TRP B 266 -0.22 9.25 -15.03
C TRP B 266 0.88 8.67 -15.93
N LYS B 267 1.90 9.48 -16.20
CA LYS B 267 3.05 9.02 -16.98
C LYS B 267 3.61 7.74 -16.38
N SER B 268 3.61 7.68 -15.04
CA SER B 268 4.14 6.54 -14.30
C SER B 268 3.18 5.36 -14.37
N TRP B 269 1.88 5.67 -14.35
CA TRP B 269 0.83 4.68 -14.38
C TRP B 269 0.83 3.90 -15.69
N LEU B 270 1.24 4.56 -16.77
CA LEU B 270 1.31 3.93 -18.08
C LEU B 270 2.34 2.79 -18.10
N ARG B 271 3.47 3.00 -17.44
CA ARG B 271 4.50 1.96 -17.32
C ARG B 271 3.94 0.70 -16.66
N HIS B 272 3.26 0.89 -15.53
CA HIS B 272 2.63 -0.22 -14.82
C HIS B 272 1.56 -0.94 -15.67
N LEU B 273 1.08 -0.25 -16.71
CA LEU B 273 0.04 -0.79 -17.58
C LEU B 273 0.57 -1.24 -18.94
N ALA B 274 1.89 -1.24 -19.07
CA ALA B 274 2.59 -1.68 -20.29
C ALA B 274 2.39 -0.75 -21.50
N ASN B 275 2.29 0.55 -21.23
CA ASN B 275 2.09 1.60 -22.25
C ASN B 275 0.97 1.30 -23.26
N PRO B 276 -0.29 1.25 -22.79
CA PRO B 276 -1.38 1.01 -23.72
C PRO B 276 -1.77 2.26 -24.50
N THR B 277 -2.41 2.06 -25.66
CA THR B 277 -2.91 3.17 -26.45
C THR B 277 -4.39 3.39 -26.17
N LEU B 278 -4.78 4.65 -26.02
CA LEU B 278 -6.17 5.02 -25.71
C LEU B 278 -7.01 5.21 -26.97
N ILE B 279 -8.25 4.73 -26.92
CA ILE B 279 -9.23 4.96 -27.98
C ILE B 279 -9.68 6.43 -27.94
N ASP B 280 -10.02 7.00 -29.09
CA ASP B 280 -10.52 8.38 -29.13
C ASP B 280 -12.00 8.41 -29.44
N ASN B 281 -12.80 8.68 -28.41
CA ASN B 281 -14.25 8.81 -28.56
C ASN B 281 -14.63 10.06 -29.35
N GLY B 282 -15.90 10.16 -29.73
CA GLY B 282 -16.39 11.33 -30.47
C GLY B 282 -16.22 12.63 -29.68
N ASP B 283 -16.61 12.59 -28.42
CA ASP B 283 -16.47 13.72 -27.49
C ASP B 283 -15.05 13.87 -26.98
N GLY B 284 -14.87 14.67 -25.94
CA GLY B 284 -13.53 14.90 -25.35
C GLY B 284 -13.04 13.83 -24.40
N THR B 285 -13.71 12.69 -24.35
CA THR B 285 -13.30 11.57 -23.50
C THR B 285 -12.48 10.54 -24.28
N PHE B 286 -11.80 9.65 -23.56
CA PHE B 286 -10.86 8.74 -24.21
C PHE B 286 -11.11 7.25 -24.08
N SER B 287 -11.36 6.76 -22.87
CA SER B 287 -11.56 5.31 -22.67
C SER B 287 -10.27 4.48 -22.75
N LEU B 288 -10.10 3.60 -21.78
CA LEU B 288 -9.07 2.57 -21.80
C LEU B 288 -9.74 1.22 -22.08
N GLY B 289 -9.63 0.77 -23.33
CA GLY B 289 -10.32 -0.44 -23.79
C GLY B 289 -11.70 -0.09 -24.28
N ASP B 290 -12.39 -1.07 -24.88
CA ASP B 290 -13.73 -0.86 -25.43
C ASP B 290 -14.81 -0.71 -24.35
N THR B 291 -15.28 0.52 -24.18
CA THR B 291 -16.28 0.82 -23.14
C THR B 291 -17.68 1.15 -23.70
N ARG B 292 -17.97 0.68 -24.91
CA ARG B 292 -19.23 0.98 -25.59
C ARG B 292 -20.45 0.39 -24.88
N ASN B 293 -20.35 -0.85 -24.42
CA ASN B 293 -21.42 -1.49 -23.65
C ASN B 293 -21.00 -1.75 -22.20
N ASP B 294 -20.16 -0.84 -21.68
CA ASP B 294 -19.57 -0.97 -20.35
C ASP B 294 -20.65 -0.92 -19.28
N SER B 295 -20.61 -1.89 -18.37
CA SER B 295 -21.60 -2.02 -17.31
C SER B 295 -21.27 -1.13 -16.13
N GLU B 296 -19.98 -0.97 -15.88
CA GLU B 296 -19.47 -0.11 -14.82
C GLU B 296 -19.40 1.33 -15.31
N ASN B 297 -19.18 2.27 -14.39
CA ASN B 297 -18.93 3.66 -14.77
C ASN B 297 -17.64 4.16 -14.15
N ALA B 298 -16.53 3.55 -14.58
CA ALA B 298 -15.21 3.81 -14.05
C ALA B 298 -14.50 4.91 -14.82
N TRP B 299 -13.89 5.84 -14.09
CA TRP B 299 -13.20 6.96 -14.73
C TRP B 299 -11.84 7.27 -14.12
N ILE B 300 -10.90 7.67 -14.97
CA ILE B 300 -9.64 8.25 -14.51
C ILE B 300 -9.55 9.66 -15.04
N PHE B 301 -9.26 10.62 -14.16
CA PHE B 301 -9.18 12.02 -14.53
C PHE B 301 -7.76 12.54 -14.33
N VAL B 302 -7.08 12.80 -15.44
CA VAL B 302 -5.73 13.37 -15.42
C VAL B 302 -5.81 14.88 -15.61
N PHE B 303 -5.22 15.61 -14.68
CA PHE B 303 -5.21 17.06 -14.75
C PHE B 303 -3.80 17.65 -14.77
N GLU B 304 -3.67 18.81 -15.40
CA GLU B 304 -2.42 19.56 -15.40
C GLU B 304 -2.42 20.48 -14.20
N LEU B 305 -1.34 20.45 -13.42
CA LEU B 305 -1.18 21.35 -12.28
C LEU B 305 -0.90 22.79 -12.72
N ASP B 306 -0.04 22.96 -13.71
CA ASP B 306 0.31 24.29 -14.21
C ASP B 306 0.01 24.46 -15.71
N PRO B 307 -1.27 24.66 -16.06
CA PRO B 307 -1.60 24.98 -17.46
C PRO B 307 -1.15 26.41 -17.78
N ASP B 308 -0.97 26.71 -19.06
CA ASP B 308 -0.58 28.04 -19.49
C ASP B 308 -1.71 29.05 -19.19
N THR B 309 -1.71 29.52 -17.94
CA THR B 309 -2.62 30.54 -17.44
C THR B 309 -1.97 31.25 -16.27
N ASP B 310 -2.37 32.49 -16.01
CA ASP B 310 -1.86 33.22 -14.85
C ASP B 310 -2.96 33.55 -13.85
N ALA B 311 -3.91 32.62 -13.72
CA ALA B 311 -4.94 32.67 -12.70
C ALA B 311 -4.31 32.41 -11.33
N SER B 312 -4.61 33.29 -10.37
CA SER B 312 -3.98 33.32 -9.04
C SER B 312 -3.72 31.91 -8.46
N PRO B 313 -4.79 31.20 -8.02
CA PRO B 313 -4.63 29.75 -7.82
C PRO B 313 -4.87 28.97 -9.11
N ARG B 314 -3.99 28.03 -9.42
CA ARG B 314 -4.08 27.27 -10.66
C ARG B 314 -5.28 26.31 -10.66
N PRO B 315 -6.19 26.49 -11.64
CA PRO B 315 -7.36 25.61 -11.75
C PRO B 315 -6.97 24.22 -12.24
N LEU B 316 -7.45 23.20 -11.54
CA LEU B 316 -7.12 21.82 -11.89
C LEU B 316 -8.00 21.35 -13.04
N ALA B 317 -7.60 21.72 -14.25
CA ALA B 317 -8.37 21.43 -15.45
C ALA B 317 -8.05 20.04 -15.96
N PRO B 318 -9.02 19.10 -15.84
CA PRO B 318 -8.77 17.74 -16.29
C PRO B 318 -8.61 17.73 -17.80
N HIS B 319 -7.37 17.56 -18.27
CA HIS B 319 -7.09 17.56 -19.70
C HIS B 319 -7.30 16.17 -20.30
N LEU B 320 -7.47 15.17 -19.44
CA LEU B 320 -7.79 13.81 -19.85
C LEU B 320 -8.84 13.22 -18.94
N GLU B 321 -9.93 12.74 -19.53
CA GLU B 321 -10.95 12.00 -18.81
C GLU B 321 -11.18 10.66 -19.49
N ILE B 322 -10.73 9.60 -18.82
CA ILE B 322 -10.63 8.28 -19.42
C ILE B 322 -11.66 7.33 -18.83
N ARG B 323 -12.56 6.85 -19.68
CA ARG B 323 -13.53 5.83 -19.29
C ARG B 323 -12.83 4.48 -19.31
N VAL B 324 -12.82 3.82 -18.16
CA VAL B 324 -12.04 2.60 -18.00
C VAL B 324 -12.86 1.35 -18.26
N ASN B 325 -12.21 0.36 -18.86
CA ASN B 325 -12.72 -1.00 -18.88
C ASN B 325 -12.00 -1.75 -17.76
N VAL B 326 -12.76 -2.12 -16.74
CA VAL B 326 -12.23 -2.84 -15.58
C VAL B 326 -11.46 -4.10 -15.99
N ASP B 327 -12.03 -4.90 -16.90
CA ASP B 327 -11.36 -6.10 -17.42
C ASP B 327 -10.04 -5.79 -18.13
N THR B 328 -10.01 -4.67 -18.85
CA THR B 328 -8.81 -4.19 -19.53
C THR B 328 -7.77 -3.70 -18.51
N LEU B 329 -8.21 -2.90 -17.53
CA LEU B 329 -7.31 -2.38 -16.50
C LEU B 329 -6.55 -3.50 -15.81
N ILE B 330 -7.26 -4.58 -15.48
CA ILE B 330 -6.68 -5.69 -14.75
C ILE B 330 -5.66 -6.42 -15.64
N ASP B 331 -6.13 -6.88 -16.80
CA ASP B 331 -5.30 -7.52 -17.83
C ASP B 331 -3.94 -6.83 -18.01
N LEU B 332 -3.95 -5.51 -18.17
CA LEU B 332 -2.71 -4.76 -18.40
C LEU B 332 -1.81 -4.69 -17.16
N ALA B 333 -2.42 -4.48 -16.00
CA ALA B 333 -1.65 -4.35 -14.78
C ALA B 333 -1.14 -5.69 -14.29
N LEU B 334 -1.92 -6.75 -14.55
CA LEU B 334 -1.66 -8.05 -13.93
C LEU B 334 -1.28 -9.17 -14.90
N ARG B 335 -1.38 -8.92 -16.20
CA ARG B 335 -0.99 -9.91 -17.22
C ARG B 335 0.00 -9.37 -18.25
N GLU B 336 -0.29 -8.23 -18.84
CA GLU B 336 0.59 -7.62 -19.85
C GLU B 336 1.93 -7.16 -19.27
N SER B 337 1.87 -6.42 -18.16
CA SER B 337 3.08 -5.91 -17.52
C SER B 337 4.05 -7.02 -17.07
N PRO B 338 3.54 -8.07 -16.38
CA PRO B 338 4.42 -9.22 -16.12
C PRO B 338 4.96 -9.92 -17.36
N ARG B 339 4.23 -9.87 -18.48
CA ARG B 339 4.73 -10.41 -19.74
C ARG B 339 5.95 -9.62 -20.23
N ALA B 340 5.88 -8.30 -20.08
CA ALA B 340 7.02 -7.43 -20.36
C ALA B 340 8.20 -7.81 -19.49
N ALA B 341 7.96 -7.95 -18.19
CA ALA B 341 8.97 -8.40 -17.22
C ALA B 341 9.60 -9.75 -17.58
N LEU B 342 8.84 -10.61 -18.26
CA LEU B 342 9.31 -11.93 -18.68
C LEU B 342 9.86 -11.92 -20.10
N GLY B 343 10.30 -10.75 -20.55
CA GLY B 343 10.84 -10.57 -21.89
C GLY B 343 12.07 -11.42 -22.17
N PRO B 344 12.47 -11.52 -23.46
CA PRO B 344 13.58 -12.34 -23.93
C PRO B 344 14.86 -12.12 -23.11
N SER B 345 15.15 -10.86 -22.82
CA SER B 345 16.30 -10.50 -21.97
C SER B 345 15.87 -9.52 -20.89
N GLY B 346 14.66 -9.70 -20.38
CA GLY B 346 14.07 -8.79 -19.39
C GLY B 346 14.68 -8.88 -18.01
N PRO B 347 14.02 -8.27 -17.00
CA PRO B 347 14.51 -8.27 -15.62
C PRO B 347 14.39 -9.62 -14.90
N VAL B 348 13.52 -10.51 -15.39
CA VAL B 348 13.38 -11.84 -14.79
C VAL B 348 14.50 -12.77 -15.26
N ALA B 349 14.84 -12.68 -16.54
CA ALA B 349 15.97 -13.41 -17.10
C ALA B 349 17.28 -12.89 -16.50
N THR B 350 17.42 -11.57 -16.45
CA THR B 350 18.63 -10.89 -15.98
C THR B 350 18.86 -11.09 -14.48
N PHE B 351 17.78 -11.28 -13.72
CA PHE B 351 17.86 -11.32 -12.26
C PHE B 351 18.93 -12.28 -11.71
N THR B 352 19.07 -13.44 -12.34
CA THR B 352 20.06 -14.44 -11.91
C THR B 352 21.49 -13.88 -11.81
N ASP B 353 21.79 -12.91 -12.67
CA ASP B 353 23.07 -12.18 -12.62
C ASP B 353 23.23 -11.32 -11.38
N LYS B 354 22.15 -10.71 -10.90
CA LYS B 354 22.21 -9.89 -9.69
C LYS B 354 22.51 -10.74 -8.48
N VAL B 355 21.94 -11.94 -8.45
CA VAL B 355 22.17 -12.92 -7.39
C VAL B 355 23.65 -13.32 -7.35
N GLU B 356 24.19 -13.67 -8.53
CA GLU B 356 25.55 -14.16 -8.65
C GLU B 356 26.55 -13.05 -8.33
N ALA B 357 26.31 -11.86 -8.86
CA ALA B 357 27.16 -10.69 -8.59
C ALA B 357 27.19 -10.32 -7.11
N ARG B 358 26.06 -10.50 -6.44
CA ARG B 358 25.95 -10.24 -5.01
C ARG B 358 26.82 -11.21 -4.20
N MSE B 359 26.74 -12.49 -4.53
CA MSE B 359 27.51 -13.53 -3.85
C MSE B 359 29.00 -13.22 -3.81
O MSE B 359 29.70 -13.63 -2.87
CB MSE B 359 27.28 -14.88 -4.50
CG MSE B 359 25.88 -15.43 -4.24
SE MSE B 359 25.39 -16.90 -5.43
CE MSE B 359 26.47 -18.32 -4.65
N LEU B 360 29.48 -12.50 -4.81
CA LEU B 360 30.88 -12.09 -4.90
C LEU B 360 31.29 -11.11 -3.83
N ARG B 361 30.33 -10.32 -3.36
CA ARG B 361 30.57 -9.34 -2.31
C ARG B 361 30.85 -10.00 -0.96
N PHE B 362 30.58 -11.31 -0.87
CA PHE B 362 30.83 -12.09 0.35
C PHE B 362 31.90 -13.15 0.11
N TRP B 363 32.59 -13.05 -1.03
CA TRP B 363 33.62 -14.01 -1.39
C TRP B 363 34.89 -13.72 -0.60
N PRO B 364 35.57 -14.77 -0.10
CA PRO B 364 36.81 -14.62 0.66
C PRO B 364 37.86 -13.83 -0.12
N LYS B 365 38.61 -12.97 0.59
CA LYS B 365 39.67 -12.17 -0.04
C LYS B 365 40.99 -12.29 0.71
N THR B 366 42.10 -12.17 -0.03
CA THR B 366 43.47 -12.28 0.50
C THR B 366 43.73 -13.63 1.17
FE FE C . 13.30 -10.41 16.25
S SO4 D . 8.01 -3.96 -3.54
O1 SO4 D . 8.82 -5.16 -3.40
O2 SO4 D . 6.61 -4.30 -3.35
O3 SO4 D . 8.44 -2.98 -2.54
O4 SO4 D . 8.20 -3.39 -4.87
FE FE E . -2.95 23.10 1.89
S SO4 F . -9.29 2.26 2.16
O1 SO4 F . -8.01 1.57 2.10
O2 SO4 F . -10.28 1.40 2.83
O3 SO4 F . -9.14 3.51 2.92
O4 SO4 F . -9.75 2.58 0.80
#